data_6L6J
#
_entry.id   6L6J
#
_cell.length_a   115.110
_cell.length_b   212.902
_cell.length_c   79.470
_cell.angle_alpha   90.000
_cell.angle_beta   90.000
_cell.angle_gamma   90.000
#
_symmetry.space_group_name_H-M   'C 2 2 2'
#
loop_
_entity.id
_entity.type
_entity.pdbx_description
1 polymer 'Oxidored_FMN domain-containing protein'
2 non-polymer 'FLAVIN MONONUCLEOTIDE'
3 non-polymer 'IRON/SULFUR CLUSTER'
4 non-polymer "ADENOSINE-5'-DIPHOSPHATE"
5 non-polymer 'SULFATE ION'
6 non-polymer 'CITRATE ANION'
7 water water
#
_entity_poly.entity_id   1
_entity_poly.type   'polypeptide(L)'
_entity_poly.pdbx_seq_one_letter_code
;MRDPRYDILFEPVQIGPVTTKNRFYVVPHATAMGMTALEEMIAFRKARAEGGWGVVCLEETMIHETSDHAPLPDPRMYSD
KYIEPLARVVAAVKEHGALAGVELAHAGASGPAIYHREHPLSPTTKYPHYFINPIAARTIDRQDIADFRRWYRDAALRAK
RAGFDIVYVYCAHNLSLLQDFLDTRVNKRTDDYGGIFENRVRLLRETLSDVKDAVGDTCAVAVRFAVEDRRRQTNLTALE
DGRRVVEALADVPDLWDVNVSDWAWDSGSSRFFEEGQQEPFIDFVKKVTSKPVVGVGRFTSPDAMVSQIRRGVLDLIGAA
RPSIADPFLPNKIDAGLQDDIRECIGCNACTAEVMTSSRIRCTQNPSAGEEHVSGWHPEKVPPAHNSDASILVIGGGPAG
LEAAHTLAKRGYQVSIADAGSEWGGRLVRERRLPRLSAWGRVVDYRVGQLQTMPNVSMYLDSPLGADDVAGFEADHVIVA
TGAKWRGEGVGRNHDEPIPGCDLPHVLTPEDILDGRLPEGGSVIVYDEDYYYMAAVVADRLARAGCKVTYVTTASDPSPW
THNTLEMVHVVNSMNEAGIEIVVGTAIASIGPSSVKVSRLLDGRENEMAADAVVLVTGQLSEDELYHQLIAKRDGGLLRS
VERIGDCLGAGQIAQATYDGRKAGMRYGTSVE
;
_entity_poly.pdbx_strand_id   A
#
# COMPACT_ATOMS: atom_id res chain seq x y z
N MET A 1 11.63 -19.91 23.53
CA MET A 1 10.50 -18.91 23.49
C MET A 1 9.59 -19.19 22.28
N ARG A 2 10.15 -19.55 21.12
CA ARG A 2 9.40 -19.85 19.85
C ARG A 2 8.57 -21.12 19.97
N ASP A 3 7.25 -21.03 19.78
CA ASP A 3 6.33 -22.18 19.64
C ASP A 3 6.80 -23.06 18.48
N PRO A 4 7.03 -24.38 18.68
CA PRO A 4 7.66 -25.22 17.65
C PRO A 4 6.80 -25.50 16.42
N ARG A 5 5.51 -25.13 16.43
CA ARG A 5 4.63 -25.20 15.22
C ARG A 5 5.21 -24.31 14.11
N TYR A 6 6.03 -23.31 14.46
CA TYR A 6 6.63 -22.36 13.48
C TYR A 6 8.06 -22.76 13.12
N ASP A 7 8.61 -23.83 13.71
CA ASP A 7 9.99 -24.29 13.41
C ASP A 7 10.21 -24.31 11.88
N ILE A 8 9.21 -24.81 11.13
CA ILE A 8 9.25 -25.01 9.64
C ILE A 8 9.48 -23.69 8.90
N LEU A 9 8.98 -22.57 9.43
CA LEU A 9 9.15 -21.24 8.81
C LEU A 9 10.61 -20.78 8.85
N PHE A 10 11.44 -21.36 9.72
CA PHE A 10 12.86 -20.97 9.99
C PHE A 10 13.86 -21.97 9.41
N GLU A 11 13.42 -22.99 8.70
CA GLU A 11 14.36 -23.95 8.05
C GLU A 11 15.03 -23.19 6.91
N PRO A 12 16.35 -23.33 6.69
CA PRO A 12 16.97 -22.77 5.50
C PRO A 12 16.45 -23.41 4.21
N VAL A 13 16.54 -22.70 3.09
CA VAL A 13 16.08 -23.15 1.75
C VAL A 13 17.17 -22.86 0.73
N GLN A 14 17.67 -23.90 0.06
CA GLN A 14 18.63 -23.79 -1.07
C GLN A 14 17.90 -23.16 -2.23
N ILE A 15 18.39 -21.99 -2.69
CA ILE A 15 17.95 -21.28 -3.93
C ILE A 15 19.16 -21.25 -4.84
N GLY A 16 19.23 -22.18 -5.79
CA GLY A 16 20.40 -22.36 -6.67
C GLY A 16 21.67 -22.42 -5.84
N PRO A 17 22.74 -21.68 -6.20
CA PRO A 17 23.99 -21.77 -5.46
C PRO A 17 24.04 -20.99 -4.14
N VAL A 18 22.96 -20.35 -3.70
CA VAL A 18 22.90 -19.65 -2.38
C VAL A 18 21.83 -20.33 -1.52
N THR A 19 21.69 -19.87 -0.28
CA THR A 19 20.80 -20.43 0.75
C THR A 19 20.25 -19.29 1.61
N THR A 20 18.94 -19.31 1.91
CA THR A 20 18.28 -18.34 2.80
C THR A 20 18.15 -18.95 4.20
N LYS A 21 18.39 -18.19 5.26
CA LYS A 21 18.34 -18.70 6.66
C LYS A 21 16.90 -19.09 7.06
N ASN A 22 15.88 -18.70 6.30
CA ASN A 22 14.45 -18.97 6.66
C ASN A 22 13.54 -18.80 5.45
N ARG A 23 12.22 -18.96 5.65
CA ARG A 23 11.21 -18.98 4.58
C ARG A 23 10.55 -17.61 4.44
N PHE A 24 10.89 -16.63 5.29
CA PHE A 24 10.38 -15.23 5.15
C PHE A 24 11.16 -14.50 4.05
N TYR A 25 10.46 -14.09 3.00
CA TYR A 25 11.07 -13.58 1.74
C TYR A 25 10.41 -12.26 1.38
N VAL A 26 11.19 -11.19 1.21
CA VAL A 26 10.63 -9.85 0.88
C VAL A 26 10.72 -9.69 -0.63
N VAL A 27 9.56 -9.69 -1.30
CA VAL A 27 9.45 -9.65 -2.78
C VAL A 27 9.73 -8.23 -3.23
N PRO A 28 10.14 -8.03 -4.50
CA PRO A 28 10.45 -6.69 -5.00
C PRO A 28 9.23 -5.79 -4.80
N HIS A 29 9.43 -4.65 -4.17
CA HIS A 29 8.39 -3.60 -4.01
C HIS A 29 9.08 -2.24 -3.96
N ALA A 30 8.66 -1.33 -4.86
CA ALA A 30 9.20 0.04 -5.02
C ALA A 30 9.00 0.81 -3.74
N THR A 31 9.96 1.68 -3.41
CA THR A 31 9.90 2.58 -2.23
C THR A 31 9.83 4.04 -2.66
N ALA A 32 9.97 4.31 -3.97
CA ALA A 32 10.02 5.67 -4.57
C ALA A 32 11.13 6.53 -3.96
N MET A 33 12.20 5.88 -3.49
CA MET A 33 13.54 6.46 -3.25
C MET A 33 14.44 5.81 -4.29
N GLY A 34 15.18 6.59 -5.07
CA GLY A 34 16.00 5.98 -6.15
C GLY A 34 17.46 6.01 -5.77
N MET A 35 18.32 6.23 -6.77
CA MET A 35 19.75 6.55 -6.59
C MET A 35 19.87 7.97 -6.02
N THR A 36 18.81 8.74 -6.22
CA THR A 36 18.71 10.15 -5.81
C THR A 36 18.55 10.21 -4.27
N ALA A 37 18.11 9.12 -3.63
CA ALA A 37 17.86 9.03 -2.17
C ALA A 37 18.36 7.68 -1.65
N LEU A 38 19.66 7.44 -1.82
CA LEU A 38 20.35 6.18 -1.47
C LEU A 38 20.16 5.85 0.02
N GLU A 39 20.26 6.86 0.89
CA GLU A 39 20.28 6.67 2.36
C GLU A 39 18.90 6.18 2.81
N GLU A 40 17.85 6.69 2.16
CA GLU A 40 16.43 6.29 2.39
C GLU A 40 16.31 4.78 2.09
N MET A 41 16.70 4.39 0.88
CA MET A 41 16.73 2.99 0.40
C MET A 41 17.52 2.09 1.37
N ILE A 42 18.76 2.47 1.68
CA ILE A 42 19.65 1.75 2.63
C ILE A 42 18.92 1.54 3.96
N ALA A 43 18.53 2.60 4.64
CA ALA A 43 17.86 2.56 5.97
C ALA A 43 16.54 1.76 5.88
N PHE A 44 15.80 1.93 4.78
CA PHE A 44 14.54 1.18 4.55
C PHE A 44 14.86 -0.30 4.55
N ARG A 45 15.72 -0.76 3.64
CA ARG A 45 16.01 -2.21 3.44
C ARG A 45 16.69 -2.77 4.69
N LYS A 46 17.68 -2.08 5.25
CA LYS A 46 18.37 -2.50 6.51
C LYS A 46 17.34 -2.99 7.53
N ALA A 47 16.27 -2.23 7.75
CA ALA A 47 15.29 -2.50 8.83
C ALA A 47 14.68 -3.90 8.64
N ARG A 48 14.53 -4.32 7.39
CA ARG A 48 13.87 -5.62 7.05
C ARG A 48 14.87 -6.78 7.17
N ALA A 49 16.14 -6.55 6.89
CA ALA A 49 17.24 -7.44 7.30
C ALA A 49 17.31 -7.51 8.84
N GLU A 50 17.32 -6.35 9.51
CA GLU A 50 17.34 -6.26 11.00
C GLU A 50 16.20 -7.11 11.55
N GLY A 51 14.99 -7.05 10.96
CA GLY A 51 13.75 -7.74 11.41
C GLY A 51 13.72 -9.24 11.16
N GLY A 52 14.59 -9.77 10.29
CA GLY A 52 14.88 -11.21 10.21
C GLY A 52 14.35 -11.85 8.94
N TRP A 53 14.01 -11.05 7.95
CA TRP A 53 13.64 -11.56 6.60
C TRP A 53 14.89 -12.21 5.99
N GLY A 54 14.77 -13.46 5.53
CA GLY A 54 15.84 -14.26 4.92
C GLY A 54 16.30 -13.70 3.59
N VAL A 55 15.39 -13.16 2.78
CA VAL A 55 15.74 -12.44 1.51
C VAL A 55 15.12 -11.03 1.55
N VAL A 56 15.89 -10.00 1.22
CA VAL A 56 15.33 -8.64 1.00
C VAL A 56 15.68 -8.21 -0.40
N CYS A 57 14.65 -7.86 -1.18
CA CYS A 57 14.74 -7.65 -2.64
C CYS A 57 14.61 -6.15 -2.95
N LEU A 58 15.40 -5.69 -3.91
CA LEU A 58 15.24 -4.33 -4.49
C LEU A 58 14.20 -4.42 -5.59
N GLU A 59 13.46 -3.31 -5.74
CA GLU A 59 12.31 -3.13 -6.66
C GLU A 59 12.81 -3.11 -8.11
N GLU A 60 11.92 -2.80 -9.06
CA GLU A 60 12.23 -2.77 -10.51
C GLU A 60 13.52 -1.96 -10.71
N THR A 61 14.59 -2.64 -11.11
CA THR A 61 15.94 -2.03 -11.27
C THR A 61 16.24 -1.90 -12.77
N MET A 62 16.22 -0.69 -13.30
CA MET A 62 16.15 -0.46 -14.76
C MET A 62 17.44 -0.92 -15.42
N ILE A 63 17.33 -1.75 -16.46
CA ILE A 63 18.52 -2.33 -17.17
C ILE A 63 19.04 -1.45 -18.31
N HIS A 64 18.37 -0.34 -18.63
CA HIS A 64 18.71 0.55 -19.79
C HIS A 64 17.86 1.82 -19.75
N GLU A 65 18.36 2.89 -20.38
CA GLU A 65 17.78 4.27 -20.43
C GLU A 65 16.40 4.28 -21.12
N THR A 66 16.15 3.28 -21.99
CA THR A 66 14.85 3.07 -22.68
C THR A 66 13.79 2.50 -21.72
N SER A 67 14.14 2.24 -20.45
CA SER A 67 13.19 1.70 -19.45
C SER A 67 13.10 2.58 -18.21
N ASP A 68 12.03 3.38 -18.09
CA ASP A 68 11.66 3.99 -16.77
C ASP A 68 10.16 4.23 -16.65
N HIS A 69 9.72 4.44 -15.43
CA HIS A 69 8.37 4.90 -15.04
C HIS A 69 8.48 6.32 -14.48
N ALA A 70 9.40 7.13 -15.05
CA ALA A 70 9.59 8.54 -14.67
C ALA A 70 8.22 9.20 -14.57
N PRO A 71 7.97 10.05 -13.55
CA PRO A 71 9.03 10.52 -12.65
C PRO A 71 9.23 9.72 -11.34
N LEU A 72 8.74 8.47 -11.27
CA LEU A 72 9.03 7.55 -10.13
C LEU A 72 10.54 7.26 -10.07
N PRO A 73 11.24 7.59 -8.96
CA PRO A 73 12.65 7.25 -8.81
C PRO A 73 12.86 5.77 -8.43
N ASP A 74 13.62 5.04 -9.25
CA ASP A 74 13.92 3.60 -9.17
C ASP A 74 15.43 3.38 -9.05
N PRO A 75 15.88 2.20 -8.55
CA PRO A 75 17.26 1.78 -8.73
C PRO A 75 17.58 1.62 -10.21
N ARG A 76 18.86 1.73 -10.58
CA ARG A 76 19.34 1.57 -11.97
C ARG A 76 20.59 0.68 -11.98
N MET A 77 20.71 -0.17 -12.99
CA MET A 77 21.88 -1.07 -13.16
C MET A 77 22.26 -1.08 -14.64
N TYR A 78 22.15 0.05 -15.33
CA TYR A 78 22.45 0.18 -16.79
C TYR A 78 23.79 0.86 -17.00
N SER A 79 24.48 1.19 -15.90
CA SER A 79 25.81 1.84 -15.93
C SER A 79 26.63 1.48 -14.69
N ASP A 80 27.94 1.31 -14.87
CA ASP A 80 28.89 0.84 -13.82
C ASP A 80 28.92 1.82 -12.62
N LYS A 81 28.59 3.08 -12.82
CA LYS A 81 28.65 4.10 -11.74
C LYS A 81 27.61 3.76 -10.66
N TYR A 82 26.62 2.92 -11.00
CA TYR A 82 25.50 2.53 -10.08
C TYR A 82 25.91 1.34 -9.19
N ILE A 83 27.01 0.63 -9.52
CA ILE A 83 27.48 -0.59 -8.80
C ILE A 83 27.81 -0.27 -7.34
N GLU A 84 28.69 0.69 -7.08
CA GLU A 84 29.16 1.01 -5.71
C GLU A 84 27.98 1.52 -4.88
N PRO A 85 27.17 2.48 -5.38
CA PRO A 85 25.94 2.88 -4.70
C PRO A 85 25.03 1.72 -4.24
N LEU A 86 24.82 0.72 -5.11
CA LEU A 86 23.93 -0.43 -4.79
C LEU A 86 24.64 -1.43 -3.87
N ALA A 87 25.97 -1.49 -3.91
CA ALA A 87 26.81 -2.35 -3.04
C ALA A 87 26.56 -1.99 -1.57
N ARG A 88 26.28 -0.73 -1.29
CA ARG A 88 25.96 -0.24 0.08
C ARG A 88 24.64 -0.90 0.52
N VAL A 89 23.67 -1.02 -0.41
CA VAL A 89 22.32 -1.60 -0.13
C VAL A 89 22.53 -3.07 0.25
N VAL A 90 23.24 -3.80 -0.61
CA VAL A 90 23.65 -5.22 -0.39
C VAL A 90 24.28 -5.36 1.00
N ALA A 91 25.22 -4.48 1.36
CA ALA A 91 25.99 -4.54 2.61
C ALA A 91 25.06 -4.42 3.82
N ALA A 92 24.10 -3.48 3.78
CA ALA A 92 23.12 -3.23 4.85
C ALA A 92 22.15 -4.40 4.97
N VAL A 93 21.98 -5.18 3.91
CA VAL A 93 21.08 -6.38 3.87
C VAL A 93 21.89 -7.61 4.33
N LYS A 94 23.02 -7.92 3.67
CA LYS A 94 23.84 -9.12 3.94
C LYS A 94 24.40 -9.08 5.37
N GLU A 95 24.48 -7.90 5.99
CA GLU A 95 25.03 -7.65 7.34
C GLU A 95 24.32 -8.51 8.37
N HIS A 96 23.00 -8.58 8.35
CA HIS A 96 22.22 -9.44 9.30
C HIS A 96 21.92 -10.82 8.70
N GLY A 97 22.60 -11.19 7.63
CA GLY A 97 22.58 -12.55 7.05
C GLY A 97 21.33 -12.84 6.23
N ALA A 98 20.56 -11.81 5.88
CA ALA A 98 19.57 -11.84 4.78
C ALA A 98 20.33 -11.99 3.45
N LEU A 99 19.73 -12.64 2.47
CA LEU A 99 20.19 -12.55 1.05
C LEU A 99 19.69 -11.23 0.47
N ALA A 100 20.29 -10.84 -0.65
CA ALA A 100 20.10 -9.55 -1.34
C ALA A 100 19.78 -9.90 -2.80
N GLY A 101 18.52 -9.65 -3.20
CA GLY A 101 18.01 -9.89 -4.55
C GLY A 101 17.75 -8.56 -5.23
N VAL A 102 17.62 -8.56 -6.55
CA VAL A 102 17.36 -7.31 -7.31
C VAL A 102 16.46 -7.66 -8.49
N GLU A 103 15.36 -6.91 -8.65
CA GLU A 103 14.42 -7.14 -9.76
C GLU A 103 14.91 -6.36 -10.99
N LEU A 104 15.94 -6.86 -11.67
CA LEU A 104 16.37 -6.34 -12.98
C LEU A 104 15.15 -6.33 -13.91
N ALA A 105 14.84 -5.16 -14.46
CA ALA A 105 13.55 -4.85 -15.12
C ALA A 105 13.77 -4.07 -16.41
N HIS A 106 13.03 -4.39 -17.46
CA HIS A 106 12.87 -3.53 -18.66
C HIS A 106 11.38 -3.36 -18.93
N ALA A 107 10.91 -2.11 -18.93
CA ALA A 107 9.49 -1.75 -18.77
C ALA A 107 8.74 -1.90 -20.10
N GLY A 108 9.44 -2.15 -21.20
CA GLY A 108 8.84 -2.17 -22.55
C GLY A 108 7.84 -1.02 -22.73
N ALA A 109 6.56 -1.36 -22.95
CA ALA A 109 5.48 -0.42 -23.34
C ALA A 109 4.63 -0.09 -22.10
N SER A 110 5.27 0.11 -20.95
CA SER A 110 4.63 0.41 -19.65
C SER A 110 5.13 1.74 -19.08
N GLY A 111 6.14 2.35 -19.69
CA GLY A 111 6.73 3.63 -19.25
C GLY A 111 7.17 4.49 -20.42
N PRO A 112 7.32 5.83 -20.21
CA PRO A 112 7.61 6.77 -21.29
C PRO A 112 9.11 7.04 -21.54
N ALA A 113 10.00 6.48 -20.71
CA ALA A 113 11.47 6.54 -20.91
C ALA A 113 11.93 8.00 -20.89
N ILE A 114 11.39 8.79 -19.96
CA ILE A 114 11.47 10.29 -20.02
C ILE A 114 12.81 10.79 -19.48
N TYR A 115 13.41 10.10 -18.51
CA TYR A 115 14.60 10.60 -17.77
C TYR A 115 15.68 11.02 -18.79
N HIS A 116 15.94 10.19 -19.80
CA HIS A 116 16.94 10.44 -20.87
C HIS A 116 16.23 10.65 -22.21
N ARG A 117 15.00 11.18 -22.16
CA ARG A 117 14.20 11.57 -23.34
C ARG A 117 14.42 10.53 -24.42
N GLU A 118 14.06 9.30 -24.11
CA GLU A 118 14.37 8.13 -24.96
C GLU A 118 13.05 7.57 -25.50
N HIS A 119 13.16 6.70 -26.53
CA HIS A 119 12.02 5.96 -27.14
C HIS A 119 11.82 4.66 -26.37
N PRO A 120 10.64 4.42 -25.77
CA PRO A 120 10.33 3.13 -25.17
C PRO A 120 10.14 2.05 -26.25
N LEU A 121 10.18 0.79 -25.84
CA LEU A 121 10.24 -0.37 -26.76
C LEU A 121 8.96 -1.22 -26.62
N SER A 122 8.60 -1.92 -27.70
CA SER A 122 7.44 -2.83 -27.78
C SER A 122 7.68 -3.83 -28.91
N PRO A 123 7.13 -5.07 -28.83
CA PRO A 123 7.08 -5.98 -29.97
C PRO A 123 6.44 -5.26 -31.17
N THR A 124 5.43 -4.41 -30.89
CA THR A 124 4.57 -3.71 -31.86
C THR A 124 4.15 -2.35 -31.30
N THR A 125 4.23 -1.29 -32.11
CA THR A 125 4.03 0.13 -31.68
C THR A 125 2.67 0.29 -31.02
N LYS A 126 2.67 1.00 -29.90
CA LYS A 126 1.47 1.48 -29.21
C LYS A 126 1.93 2.56 -28.23
N TYR A 127 1.01 3.41 -27.75
CA TYR A 127 1.29 4.33 -26.61
C TYR A 127 1.53 3.47 -25.38
N PRO A 128 2.36 3.90 -24.42
CA PRO A 128 2.52 3.17 -23.16
C PRO A 128 1.20 2.81 -22.43
N HIS A 129 1.15 1.68 -21.75
CA HIS A 129 -0.07 1.17 -21.08
C HIS A 129 -0.58 2.20 -20.06
N TYR A 130 0.26 2.75 -19.18
CA TYR A 130 -0.22 3.53 -18.01
C TYR A 130 0.15 5.03 -18.09
N PHE A 131 0.41 5.55 -19.29
CA PHE A 131 0.94 6.92 -19.51
C PHE A 131 0.23 7.59 -20.69
N ILE A 132 -0.11 8.87 -20.54
CA ILE A 132 -0.72 9.73 -21.61
C ILE A 132 0.37 10.53 -22.32
N ASN A 133 1.63 10.45 -21.86
CA ASN A 133 2.77 11.19 -22.45
C ASN A 133 2.74 10.98 -23.96
N PRO A 134 2.97 12.05 -24.75
CA PRO A 134 2.98 11.97 -26.21
C PRO A 134 4.30 11.41 -26.72
N ILE A 135 4.56 10.14 -26.40
CA ILE A 135 5.74 9.35 -26.87
C ILE A 135 5.28 7.91 -27.08
N ALA A 136 5.43 7.39 -28.30
CA ALA A 136 5.01 6.02 -28.69
C ALA A 136 6.11 5.02 -28.29
N ALA A 137 5.71 3.83 -27.86
CA ALA A 137 6.56 2.64 -27.69
C ALA A 137 6.88 2.07 -29.08
N ARG A 138 8.14 2.10 -29.51
CA ARG A 138 8.51 1.82 -30.93
C ARG A 138 8.59 0.29 -31.17
N THR A 139 8.15 -0.17 -32.34
CA THR A 139 8.38 -1.55 -32.87
C THR A 139 9.89 -1.78 -32.91
N ILE A 140 10.39 -2.90 -32.39
CA ILE A 140 11.87 -3.13 -32.28
C ILE A 140 12.35 -4.06 -33.41
N ASP A 141 13.46 -3.69 -34.04
CA ASP A 141 14.32 -4.52 -34.94
C ASP A 141 14.71 -5.82 -34.26
N ARG A 142 15.30 -6.75 -35.03
CA ARG A 142 16.10 -7.92 -34.54
C ARG A 142 17.40 -7.42 -33.87
N GLN A 143 18.05 -6.41 -34.44
CA GLN A 143 19.28 -5.81 -33.86
C GLN A 143 18.95 -5.15 -32.50
N ASP A 144 17.78 -4.55 -32.35
CA ASP A 144 17.31 -3.97 -31.06
C ASP A 144 17.13 -5.11 -30.05
N ILE A 145 16.62 -6.27 -30.48
CA ILE A 145 16.43 -7.49 -29.63
C ILE A 145 17.79 -8.00 -29.13
N ALA A 146 18.78 -8.09 -30.03
CA ALA A 146 20.17 -8.49 -29.68
C ALA A 146 20.71 -7.52 -28.63
N ASP A 147 20.48 -6.22 -28.82
CA ASP A 147 20.93 -5.15 -27.88
C ASP A 147 20.27 -5.36 -26.50
N PHE A 148 19.00 -5.73 -26.47
CA PHE A 148 18.21 -5.88 -25.23
C PHE A 148 18.80 -7.01 -24.37
N ARG A 149 19.19 -8.12 -25.00
CA ARG A 149 19.81 -9.27 -24.32
C ARG A 149 21.18 -8.88 -23.78
N ARG A 150 21.96 -8.12 -24.56
CA ARG A 150 23.22 -7.50 -24.11
C ARG A 150 22.91 -6.74 -22.82
N TRP A 151 21.92 -5.83 -22.82
CA TRP A 151 21.58 -4.98 -21.65
C TRP A 151 21.29 -5.86 -20.43
N TYR A 152 20.55 -6.94 -20.61
CA TYR A 152 20.07 -7.80 -19.49
C TYR A 152 21.30 -8.48 -18.90
N ARG A 153 21.95 -9.34 -19.68
CA ARG A 153 23.26 -9.99 -19.41
C ARG A 153 24.18 -9.00 -18.65
N ASP A 154 24.44 -7.82 -19.23
CA ASP A 154 25.42 -6.81 -18.69
C ASP A 154 24.94 -6.25 -17.33
N ALA A 155 23.66 -5.92 -17.22
CA ALA A 155 23.04 -5.52 -15.93
C ALA A 155 23.15 -6.67 -14.91
N ALA A 156 23.04 -7.93 -15.34
CA ALA A 156 23.17 -9.12 -14.45
C ALA A 156 24.61 -9.17 -13.93
N LEU A 157 25.60 -8.99 -14.82
CA LEU A 157 27.05 -8.92 -14.45
C LEU A 157 27.27 -7.80 -13.44
N ARG A 158 26.74 -6.60 -13.68
CA ARG A 158 26.88 -5.44 -12.75
C ARG A 158 26.32 -5.81 -11.37
N ALA A 159 25.18 -6.51 -11.33
CA ALA A 159 24.50 -6.93 -10.08
C ALA A 159 25.40 -7.90 -9.30
N LYS A 160 26.07 -8.84 -9.99
CA LYS A 160 27.04 -9.80 -9.38
C LYS A 160 28.13 -8.99 -8.66
N ARG A 161 28.76 -8.04 -9.38
CA ARG A 161 29.84 -7.15 -8.91
C ARG A 161 29.38 -6.37 -7.67
N ALA A 162 28.10 -6.03 -7.59
CA ALA A 162 27.49 -5.29 -6.47
C ALA A 162 27.35 -6.21 -5.24
N GLY A 163 27.21 -7.52 -5.48
CA GLY A 163 27.17 -8.57 -4.44
C GLY A 163 25.78 -9.14 -4.17
N PHE A 164 24.82 -8.85 -5.06
CA PHE A 164 23.46 -9.43 -5.02
C PHE A 164 23.58 -10.96 -5.11
N ASP A 165 22.77 -11.65 -4.33
CA ASP A 165 22.74 -13.14 -4.24
C ASP A 165 21.75 -13.71 -5.24
N ILE A 166 20.68 -12.93 -5.53
CA ILE A 166 19.52 -13.35 -6.36
C ILE A 166 19.30 -12.25 -7.41
N VAL A 167 19.41 -12.61 -8.68
CA VAL A 167 19.28 -11.69 -9.85
C VAL A 167 18.03 -12.14 -10.62
N TYR A 168 17.07 -11.22 -10.86
CA TYR A 168 15.72 -11.54 -11.41
C TYR A 168 15.70 -11.41 -12.94
N VAL A 169 14.77 -12.14 -13.56
CA VAL A 169 14.27 -11.91 -14.94
C VAL A 169 12.80 -11.56 -14.79
N TYR A 170 12.40 -10.35 -15.16
CA TYR A 170 11.09 -9.78 -14.73
C TYR A 170 10.10 -9.86 -15.88
N CYS A 171 9.02 -10.62 -15.66
CA CYS A 171 7.93 -10.80 -16.65
C CYS A 171 6.59 -10.84 -15.92
N ALA A 172 6.11 -9.68 -15.44
CA ALA A 172 4.95 -9.55 -14.54
C ALA A 172 4.37 -8.14 -14.60
N HIS A 173 3.26 -7.91 -13.87
CA HIS A 173 2.56 -6.62 -13.63
C HIS A 173 2.12 -5.90 -14.92
N ASN A 174 2.26 -6.50 -16.11
CA ASN A 174 2.23 -5.76 -17.39
C ASN A 174 3.21 -4.55 -17.35
N LEU A 175 4.33 -4.69 -16.62
CA LEU A 175 5.43 -3.69 -16.58
C LEU A 175 6.73 -4.31 -17.12
N SER A 176 6.65 -5.17 -18.15
CA SER A 176 7.82 -5.88 -18.72
C SER A 176 7.68 -6.05 -20.23
N LEU A 177 8.75 -5.76 -20.95
CA LEU A 177 8.89 -6.02 -22.42
C LEU A 177 8.68 -7.51 -22.70
N LEU A 178 9.02 -8.39 -21.74
CA LEU A 178 8.93 -9.86 -21.92
C LEU A 178 7.45 -10.25 -21.93
N GLN A 179 6.65 -9.70 -21.00
CA GLN A 179 5.18 -9.95 -20.92
C GLN A 179 4.53 -9.38 -22.20
N ASP A 180 4.94 -8.19 -22.63
CA ASP A 180 4.48 -7.57 -23.91
C ASP A 180 4.75 -8.54 -25.06
N PHE A 181 5.91 -9.19 -25.10
CA PHE A 181 6.21 -10.16 -26.18
C PHE A 181 5.30 -11.38 -26.04
N LEU A 182 5.11 -11.90 -24.83
CA LEU A 182 4.19 -13.03 -24.53
C LEU A 182 2.75 -12.78 -24.99
N ASP A 183 2.25 -11.55 -24.80
CA ASP A 183 0.80 -11.18 -24.87
C ASP A 183 0.39 -10.99 -26.33
N THR A 184 -0.52 -11.84 -26.84
CA THR A 184 -1.07 -11.73 -28.22
C THR A 184 -1.84 -10.43 -28.40
N ARG A 185 -2.33 -9.82 -27.32
CA ARG A 185 -2.99 -8.49 -27.38
C ARG A 185 -1.98 -7.38 -27.70
N VAL A 186 -0.69 -7.59 -27.45
CA VAL A 186 0.39 -6.59 -27.67
C VAL A 186 1.30 -7.04 -28.81
N ASN A 187 1.76 -8.30 -28.79
CA ASN A 187 2.65 -8.84 -29.84
C ASN A 187 1.80 -9.10 -31.09
N LYS A 188 2.10 -8.42 -32.20
CA LYS A 188 1.42 -8.59 -33.52
C LYS A 188 2.47 -8.93 -34.58
N ARG A 189 3.65 -9.35 -34.14
CA ARG A 189 4.80 -9.59 -35.02
C ARG A 189 4.56 -10.82 -35.88
N THR A 190 5.25 -10.90 -37.04
CA THR A 190 5.16 -12.02 -38.01
C THR A 190 6.52 -12.70 -38.21
N ASP A 191 7.53 -12.36 -37.40
CA ASP A 191 8.89 -12.96 -37.41
C ASP A 191 8.93 -14.09 -36.35
N ASP A 192 10.12 -14.60 -35.99
CA ASP A 192 10.25 -15.79 -35.08
C ASP A 192 10.03 -15.39 -33.61
N TYR A 193 9.81 -14.10 -33.30
CA TYR A 193 9.41 -13.64 -31.95
C TYR A 193 7.90 -13.34 -31.87
N GLY A 194 7.13 -13.75 -32.87
CA GLY A 194 5.65 -13.57 -32.86
C GLY A 194 4.92 -14.69 -33.55
N GLY A 195 3.62 -14.78 -33.33
CA GLY A 195 2.75 -15.85 -33.85
C GLY A 195 2.43 -16.86 -32.77
N ILE A 196 2.93 -18.10 -32.90
CA ILE A 196 2.54 -19.24 -32.00
C ILE A 196 3.45 -19.18 -30.75
N PHE A 197 2.98 -19.74 -29.64
CA PHE A 197 3.56 -19.63 -28.27
C PHE A 197 5.08 -19.76 -28.28
N GLU A 198 5.65 -20.80 -28.91
CA GLU A 198 7.12 -21.00 -29.03
C GLU A 198 7.81 -19.66 -29.37
N ASN A 199 7.25 -18.90 -30.32
CA ASN A 199 7.79 -17.59 -30.78
C ASN A 199 7.59 -16.48 -29.72
N ARG A 200 6.43 -16.46 -29.07
CA ARG A 200 6.06 -15.39 -28.10
C ARG A 200 6.90 -15.54 -26.81
N VAL A 201 7.27 -16.76 -26.46
CA VAL A 201 8.03 -17.06 -25.21
C VAL A 201 9.54 -16.95 -25.46
N ARG A 202 9.97 -16.92 -26.72
CA ARG A 202 11.40 -16.95 -27.14
C ARG A 202 12.22 -15.88 -26.38
N LEU A 203 11.69 -14.68 -26.24
CA LEU A 203 12.50 -13.58 -25.66
C LEU A 203 12.73 -13.87 -24.18
N LEU A 204 11.70 -14.33 -23.48
CA LEU A 204 11.77 -14.71 -22.04
C LEU A 204 12.76 -15.86 -21.84
N ARG A 205 12.69 -16.90 -22.67
CA ARG A 205 13.62 -18.07 -22.61
C ARG A 205 15.04 -17.59 -22.90
N GLU A 206 15.28 -16.96 -24.04
CA GLU A 206 16.62 -16.49 -24.50
C GLU A 206 17.27 -15.56 -23.46
N THR A 207 16.49 -14.71 -22.80
CA THR A 207 17.00 -13.78 -21.77
C THR A 207 17.46 -14.61 -20.57
N LEU A 208 16.52 -15.35 -19.95
CA LEU A 208 16.73 -16.21 -18.75
C LEU A 208 18.02 -17.03 -18.87
N SER A 209 18.20 -17.71 -20.01
CA SER A 209 19.42 -18.49 -20.38
C SER A 209 20.65 -17.57 -20.38
N ASP A 210 20.57 -16.35 -20.92
CA ASP A 210 21.74 -15.43 -21.01
C ASP A 210 22.20 -15.04 -19.61
N VAL A 211 21.24 -14.78 -18.72
CA VAL A 211 21.51 -14.32 -17.33
C VAL A 211 22.06 -15.50 -16.53
N LYS A 212 21.50 -16.68 -16.71
CA LYS A 212 21.98 -17.92 -16.06
C LYS A 212 23.44 -18.15 -16.47
N ASP A 213 23.76 -18.03 -17.76
CA ASP A 213 25.15 -18.26 -18.25
C ASP A 213 26.03 -17.16 -17.67
N ALA A 214 25.50 -15.94 -17.57
CA ALA A 214 26.22 -14.73 -17.11
C ALA A 214 26.64 -14.90 -15.63
N VAL A 215 25.71 -15.19 -14.71
CA VAL A 215 25.94 -15.02 -13.24
C VAL A 215 25.53 -16.25 -12.43
N GLY A 216 25.21 -17.39 -13.09
CA GLY A 216 24.52 -18.55 -12.48
C GLY A 216 25.39 -19.37 -11.54
N ASP A 217 26.72 -19.31 -11.69
CA ASP A 217 27.70 -20.11 -10.87
C ASP A 217 27.51 -19.73 -9.39
N THR A 218 27.38 -18.44 -9.07
CA THR A 218 27.39 -17.90 -7.67
C THR A 218 26.10 -17.13 -7.31
N CYS A 219 25.35 -16.61 -8.28
CA CYS A 219 24.02 -15.97 -8.05
C CYS A 219 22.90 -16.92 -8.49
N ALA A 220 21.87 -17.06 -7.67
CA ALA A 220 20.59 -17.67 -8.08
C ALA A 220 19.92 -16.76 -9.14
N VAL A 221 19.29 -17.33 -10.15
CA VAL A 221 18.54 -16.56 -11.19
C VAL A 221 17.04 -16.80 -10.96
N ALA A 222 16.32 -15.77 -10.51
CA ALA A 222 14.87 -15.85 -10.20
C ALA A 222 14.05 -15.42 -11.41
N VAL A 223 12.86 -15.95 -11.59
CA VAL A 223 11.86 -15.38 -12.53
C VAL A 223 10.69 -14.88 -11.69
N ARG A 224 10.38 -13.59 -11.78
CA ARG A 224 9.06 -13.10 -11.34
C ARG A 224 8.13 -13.25 -12.53
N PHE A 225 7.02 -13.98 -12.38
CA PHE A 225 6.10 -14.28 -13.50
C PHE A 225 4.65 -14.14 -13.04
N ALA A 226 3.92 -13.26 -13.73
CA ALA A 226 2.45 -13.17 -13.71
C ALA A 226 1.88 -14.39 -14.46
N VAL A 227 1.23 -15.29 -13.71
CA VAL A 227 0.67 -16.57 -14.26
C VAL A 227 -0.67 -16.23 -14.92
N GLU A 228 -1.47 -15.37 -14.29
CA GLU A 228 -2.75 -14.87 -14.86
C GLU A 228 -2.71 -13.34 -14.94
N ASP A 229 -3.23 -12.75 -16.03
CA ASP A 229 -3.56 -11.30 -16.11
C ASP A 229 -5.07 -11.17 -15.90
N ARG A 230 -5.47 -10.49 -14.82
CA ARG A 230 -6.90 -10.32 -14.43
C ARG A 230 -7.41 -8.95 -14.90
N ARG A 231 -6.56 -8.17 -15.60
CA ARG A 231 -6.92 -6.85 -16.17
C ARG A 231 -8.03 -7.08 -17.22
N ARG A 232 -7.69 -7.73 -18.34
CA ARG A 232 -8.60 -8.01 -19.48
C ARG A 232 -8.35 -9.45 -19.93
N GLN A 233 -9.28 -10.05 -20.69
CA GLN A 233 -9.13 -11.44 -21.22
C GLN A 233 -8.12 -11.43 -22.38
N THR A 234 -6.82 -11.31 -22.05
CA THR A 234 -5.66 -11.30 -23.00
C THR A 234 -5.25 -12.74 -23.34
N ASN A 235 -5.79 -13.76 -22.63
CA ASN A 235 -5.54 -15.22 -22.81
C ASN A 235 -4.20 -15.65 -22.19
N LEU A 236 -3.55 -14.75 -21.44
CA LEU A 236 -2.42 -15.07 -20.53
C LEU A 236 -3.01 -15.55 -19.21
N THR A 237 -3.51 -16.79 -19.18
CA THR A 237 -4.12 -17.40 -17.97
C THR A 237 -3.28 -18.60 -17.53
N ALA A 238 -3.33 -18.94 -16.23
CA ALA A 238 -2.58 -20.06 -15.60
C ALA A 238 -2.90 -21.37 -16.31
N LEU A 239 -4.16 -21.53 -16.77
CA LEU A 239 -4.63 -22.72 -17.54
C LEU A 239 -4.04 -22.72 -18.95
N GLU A 240 -3.76 -21.53 -19.51
CA GLU A 240 -3.27 -21.38 -20.91
C GLU A 240 -1.77 -21.06 -20.92
N ASP A 241 -1.41 -19.82 -21.23
CA ASP A 241 0.01 -19.40 -21.42
C ASP A 241 0.75 -19.35 -20.09
N GLY A 242 0.10 -18.92 -19.00
CA GLY A 242 0.69 -18.99 -17.64
C GLY A 242 1.22 -20.39 -17.36
N ARG A 243 0.36 -21.39 -17.52
CA ARG A 243 0.71 -22.83 -17.33
C ARG A 243 1.78 -23.20 -18.36
N ARG A 244 1.64 -22.78 -19.63
CA ARG A 244 2.59 -23.15 -20.71
C ARG A 244 3.97 -22.59 -20.41
N VAL A 245 4.09 -21.32 -20.01
CA VAL A 245 5.42 -20.68 -19.78
C VAL A 245 6.16 -21.52 -18.74
N VAL A 246 5.49 -21.80 -17.62
CA VAL A 246 6.11 -22.64 -16.55
C VAL A 246 6.53 -23.96 -17.21
N GLU A 247 5.59 -24.77 -17.67
CA GLU A 247 5.91 -26.08 -18.31
C GLU A 247 7.20 -25.95 -19.14
N ALA A 248 7.24 -25.01 -20.07
CA ALA A 248 8.37 -24.81 -21.03
C ALA A 248 9.69 -24.52 -20.31
N LEU A 249 9.67 -23.82 -19.18
CA LEU A 249 10.91 -23.34 -18.49
C LEU A 249 11.00 -23.88 -17.05
N ALA A 250 10.26 -24.95 -16.74
CA ALA A 250 9.93 -25.41 -15.36
C ALA A 250 11.15 -25.51 -14.43
N ASP A 251 12.28 -26.07 -14.89
CA ASP A 251 13.48 -26.31 -14.04
C ASP A 251 14.68 -25.54 -14.63
N VAL A 252 14.43 -24.49 -15.42
CA VAL A 252 15.48 -23.56 -15.93
C VAL A 252 15.92 -22.63 -14.80
N PRO A 253 15.03 -21.86 -14.14
CA PRO A 253 15.46 -20.96 -13.08
C PRO A 253 15.68 -21.68 -11.74
N ASP A 254 16.33 -20.98 -10.82
CA ASP A 254 16.66 -21.48 -9.46
C ASP A 254 15.46 -21.17 -8.54
N LEU A 255 14.64 -20.20 -8.92
CA LEU A 255 13.46 -19.74 -8.12
C LEU A 255 12.37 -19.27 -9.10
N TRP A 256 11.13 -19.72 -8.88
CA TRP A 256 9.91 -19.15 -9.47
C TRP A 256 9.28 -18.19 -8.46
N ASP A 257 9.24 -16.88 -8.78
CA ASP A 257 8.47 -15.87 -8.02
C ASP A 257 7.15 -15.59 -8.76
N VAL A 258 5.99 -16.01 -8.22
CA VAL A 258 4.73 -16.09 -9.02
C VAL A 258 3.59 -15.32 -8.32
N ASN A 259 2.88 -14.54 -9.14
CA ASN A 259 1.78 -13.64 -8.72
C ASN A 259 0.79 -13.47 -9.89
N VAL A 260 -0.18 -12.55 -9.75
CA VAL A 260 -1.24 -12.30 -10.79
C VAL A 260 -0.97 -10.95 -11.46
N SER A 261 -1.12 -10.90 -12.79
CA SER A 261 -0.84 -9.67 -13.60
C SER A 261 -1.90 -8.59 -13.32
N ASP A 262 -1.37 -7.37 -13.38
CA ASP A 262 -1.94 -6.06 -12.99
C ASP A 262 -1.84 -5.86 -11.47
N TRP A 263 -1.22 -4.74 -11.10
CA TRP A 263 -0.91 -4.34 -9.71
C TRP A 263 -2.18 -4.35 -8.85
N ALA A 264 -3.32 -3.95 -9.42
CA ALA A 264 -4.61 -3.74 -8.71
C ALA A 264 -5.16 -5.09 -8.23
N TRP A 265 -4.74 -6.17 -8.91
CA TRP A 265 -5.07 -7.59 -8.58
C TRP A 265 -3.95 -8.26 -7.77
N ASP A 266 -2.71 -7.79 -7.89
CA ASP A 266 -1.53 -8.31 -7.16
C ASP A 266 -1.49 -7.74 -5.73
N SER A 267 -1.47 -6.42 -5.58
CA SER A 267 -1.55 -5.74 -4.28
C SER A 267 -3.02 -5.42 -3.99
N GLY A 268 -3.85 -6.46 -3.88
CA GLY A 268 -5.29 -6.37 -3.63
C GLY A 268 -5.62 -5.70 -2.29
N SER A 269 -6.29 -4.54 -2.33
CA SER A 269 -6.79 -3.80 -1.14
C SER A 269 -7.68 -4.72 -0.30
N SER A 270 -7.68 -4.54 1.02
CA SER A 270 -8.50 -5.34 1.98
C SER A 270 -10.01 -5.12 1.75
N ARG A 271 -10.41 -4.01 1.12
CA ARG A 271 -11.82 -3.76 0.69
C ARG A 271 -12.33 -4.87 -0.29
N PHE A 272 -11.45 -5.63 -0.94
CA PHE A 272 -11.85 -6.52 -2.06
C PHE A 272 -11.13 -7.87 -2.02
N PHE A 273 -10.01 -8.01 -1.31
CA PHE A 273 -9.27 -9.30 -1.19
C PHE A 273 -9.07 -9.61 0.29
N GLU A 274 -8.87 -10.88 0.65
CA GLU A 274 -8.30 -11.29 1.98
C GLU A 274 -7.06 -12.17 1.75
N GLU A 275 -6.45 -12.65 2.82
CA GLU A 275 -5.18 -13.41 2.82
C GLU A 275 -5.19 -14.56 1.80
N GLY A 276 -4.04 -14.79 1.18
CA GLY A 276 -3.81 -15.94 0.29
C GLY A 276 -4.89 -16.08 -0.74
N GLN A 277 -5.33 -14.95 -1.32
CA GLN A 277 -6.36 -14.89 -2.40
C GLN A 277 -5.75 -15.42 -3.71
N GLN A 278 -4.42 -15.45 -3.82
CA GLN A 278 -3.71 -15.83 -5.07
C GLN A 278 -3.56 -17.36 -5.14
N GLU A 279 -3.85 -18.05 -4.03
CA GLU A 279 -3.55 -19.50 -3.92
C GLU A 279 -4.09 -20.20 -5.16
N PRO A 280 -5.42 -20.14 -5.44
CA PRO A 280 -6.01 -20.82 -6.61
C PRO A 280 -5.26 -20.62 -7.91
N PHE A 281 -4.62 -19.46 -8.11
CA PHE A 281 -3.96 -19.06 -9.39
C PHE A 281 -2.54 -19.63 -9.49
N ILE A 282 -1.83 -19.80 -8.36
CA ILE A 282 -0.39 -20.25 -8.33
C ILE A 282 -0.27 -21.69 -7.80
N ASP A 283 -1.35 -22.25 -7.25
CA ASP A 283 -1.51 -23.64 -6.72
C ASP A 283 -0.82 -24.67 -7.60
N PHE A 284 -0.90 -24.50 -8.92
CA PHE A 284 -0.45 -25.48 -9.93
C PHE A 284 1.09 -25.48 -10.06
N VAL A 285 1.73 -24.37 -9.71
CA VAL A 285 3.17 -24.11 -10.02
C VAL A 285 4.04 -25.22 -9.41
N LYS A 286 3.81 -25.61 -8.15
CA LYS A 286 4.67 -26.62 -7.45
C LYS A 286 4.49 -28.03 -8.04
N LYS A 287 3.37 -28.33 -8.72
CA LYS A 287 3.16 -29.62 -9.42
C LYS A 287 4.03 -29.68 -10.70
N VAL A 288 4.47 -28.54 -11.26
CA VAL A 288 5.17 -28.50 -12.58
C VAL A 288 6.68 -28.43 -12.40
N THR A 289 7.15 -27.62 -11.45
CA THR A 289 8.60 -27.34 -11.18
C THR A 289 9.04 -28.07 -9.91
N SER A 290 10.26 -28.60 -9.93
CA SER A 290 10.95 -29.14 -8.72
C SER A 290 11.60 -27.99 -7.93
N LYS A 291 11.61 -26.77 -8.49
CA LYS A 291 12.32 -25.59 -7.96
C LYS A 291 11.51 -24.92 -6.85
N PRO A 292 12.19 -24.21 -5.92
CA PRO A 292 11.50 -23.49 -4.84
C PRO A 292 10.57 -22.42 -5.41
N VAL A 293 9.34 -22.33 -4.89
CA VAL A 293 8.31 -21.38 -5.37
C VAL A 293 8.02 -20.39 -4.24
N VAL A 294 8.10 -19.10 -4.55
CA VAL A 294 7.70 -17.99 -3.65
C VAL A 294 6.43 -17.35 -4.22
N GLY A 295 5.42 -17.19 -3.38
CA GLY A 295 4.17 -16.52 -3.71
C GLY A 295 3.81 -15.53 -2.61
N VAL A 296 2.81 -14.70 -2.87
CA VAL A 296 2.37 -13.61 -1.97
C VAL A 296 0.87 -13.77 -1.73
N GLY A 297 0.38 -13.29 -0.58
CA GLY A 297 -1.05 -13.30 -0.27
C GLY A 297 -1.39 -12.40 0.90
N ARG A 298 -0.72 -11.27 0.99
CA ARG A 298 -0.84 -10.36 2.16
C ARG A 298 -0.73 -11.18 3.44
N PHE A 299 0.25 -12.08 3.50
CA PHE A 299 0.39 -13.09 4.58
C PHE A 299 0.71 -12.36 5.89
N THR A 300 -0.13 -12.59 6.90
CA THR A 300 -0.07 -11.95 8.25
C THR A 300 -0.23 -12.98 9.37
N SER A 301 -1.09 -13.98 9.15
CA SER A 301 -1.34 -15.15 10.05
C SER A 301 -0.17 -16.14 9.93
N PRO A 302 0.57 -16.36 11.03
CA PRO A 302 1.64 -17.38 11.03
C PRO A 302 1.14 -18.78 10.70
N ASP A 303 -0.11 -19.12 11.08
CA ASP A 303 -0.74 -20.45 10.83
C ASP A 303 -1.12 -20.60 9.36
N ALA A 304 -1.53 -19.50 8.71
CA ALA A 304 -1.77 -19.47 7.25
C ALA A 304 -0.46 -19.80 6.54
N MET A 305 0.64 -19.18 7.03
CA MET A 305 2.01 -19.31 6.45
C MET A 305 2.47 -20.76 6.62
N VAL A 306 2.30 -21.32 7.80
CA VAL A 306 2.70 -22.73 8.06
C VAL A 306 1.96 -23.62 7.07
N SER A 307 0.65 -23.39 6.94
CA SER A 307 -0.32 -24.18 6.12
C SER A 307 0.07 -24.10 4.64
N GLN A 308 0.44 -22.92 4.17
CA GLN A 308 0.84 -22.71 2.76
C GLN A 308 1.95 -23.71 2.42
N ILE A 309 2.87 -23.94 3.38
CA ILE A 309 4.07 -24.81 3.20
C ILE A 309 3.69 -26.31 3.31
N ARG A 310 3.04 -26.67 4.41
CA ARG A 310 2.61 -28.06 4.73
C ARG A 310 1.77 -28.63 3.58
N ARG A 311 0.84 -27.84 3.02
CA ARG A 311 -0.12 -28.30 1.95
C ARG A 311 0.52 -28.14 0.56
N GLY A 312 1.79 -27.72 0.50
CA GLY A 312 2.61 -27.78 -0.73
C GLY A 312 2.26 -26.72 -1.76
N VAL A 313 1.71 -25.59 -1.30
CA VAL A 313 1.35 -24.46 -2.20
C VAL A 313 2.64 -23.68 -2.54
N LEU A 314 3.46 -23.38 -1.52
CA LEU A 314 4.70 -22.58 -1.61
C LEU A 314 5.86 -23.26 -0.90
N ASP A 315 7.09 -22.89 -1.25
CA ASP A 315 8.32 -23.20 -0.47
C ASP A 315 8.65 -21.99 0.39
N LEU A 316 8.36 -20.79 -0.13
CA LEU A 316 8.71 -19.50 0.51
C LEU A 316 7.48 -18.62 0.68
N ILE A 317 7.30 -18.09 1.89
CA ILE A 317 6.27 -17.06 2.24
C ILE A 317 6.73 -15.72 1.64
N GLY A 318 6.22 -15.38 0.46
CA GLY A 318 6.47 -14.07 -0.17
C GLY A 318 5.68 -12.98 0.53
N ALA A 319 6.32 -11.84 0.81
CA ALA A 319 5.64 -10.66 1.39
C ALA A 319 6.21 -9.36 0.85
N ALA A 320 5.34 -8.39 0.63
CA ALA A 320 5.70 -6.95 0.48
C ALA A 320 5.01 -6.18 1.62
N ARG A 321 3.70 -6.01 1.53
CA ARG A 321 2.93 -5.12 2.45
C ARG A 321 3.16 -5.56 3.90
N PRO A 322 3.02 -6.85 4.23
CA PRO A 322 3.25 -7.29 5.61
C PRO A 322 4.64 -6.90 6.14
N SER A 323 5.67 -6.98 5.30
CA SER A 323 7.05 -6.57 5.64
C SER A 323 7.16 -5.04 5.81
N ILE A 324 6.26 -4.26 5.21
CA ILE A 324 6.23 -2.78 5.28
C ILE A 324 5.68 -2.40 6.65
N ALA A 325 4.55 -3.01 7.00
CA ALA A 325 3.77 -2.84 8.25
C ALA A 325 4.54 -3.39 9.44
N ASP A 326 5.21 -4.55 9.29
CA ASP A 326 6.04 -5.15 10.36
C ASP A 326 7.35 -5.71 9.79
N PRO A 327 8.33 -4.82 9.57
CA PRO A 327 9.69 -5.25 9.27
C PRO A 327 10.19 -6.35 10.22
N PHE A 328 9.57 -6.51 11.39
CA PHE A 328 10.06 -7.39 12.49
C PHE A 328 9.18 -8.64 12.61
N LEU A 329 8.22 -8.85 11.71
CA LEU A 329 7.30 -10.02 11.74
C LEU A 329 8.13 -11.29 12.00
N PRO A 330 9.21 -11.60 11.21
CA PRO A 330 10.04 -12.76 11.48
C PRO A 330 10.65 -12.87 12.88
N ASN A 331 11.20 -11.78 13.43
CA ASN A 331 11.92 -11.85 14.73
C ASN A 331 10.92 -12.05 15.87
N LYS A 332 9.66 -11.63 15.69
CA LYS A 332 8.62 -11.75 16.75
C LYS A 332 8.12 -13.20 16.84
N ILE A 333 7.84 -13.85 15.71
CA ILE A 333 7.46 -15.30 15.65
C ILE A 333 8.58 -16.07 16.36
N ASP A 334 9.82 -15.82 15.92
CA ASP A 334 11.05 -16.47 16.46
C ASP A 334 11.21 -16.27 17.98
N ALA A 335 10.60 -15.25 18.57
CA ALA A 335 10.64 -14.96 20.03
C ALA A 335 9.37 -15.44 20.74
N GLY A 336 8.46 -16.15 20.04
CA GLY A 336 7.13 -16.52 20.56
C GLY A 336 6.23 -15.29 20.77
N LEU A 337 6.45 -14.22 20.00
CA LEU A 337 5.75 -12.92 20.20
C LEU A 337 4.87 -12.57 18.99
N GLN A 338 4.28 -13.59 18.34
CA GLN A 338 3.33 -13.48 17.20
C GLN A 338 2.09 -12.66 17.60
N ASP A 339 1.72 -12.63 18.87
CA ASP A 339 0.61 -11.76 19.37
C ASP A 339 0.90 -10.28 19.06
N ASP A 340 2.18 -9.89 19.04
CA ASP A 340 2.64 -8.48 18.88
C ASP A 340 2.84 -8.11 17.40
N ILE A 341 2.55 -9.00 16.45
CA ILE A 341 2.68 -8.64 15.02
C ILE A 341 1.79 -7.40 14.77
N ARG A 342 2.36 -6.39 14.08
CA ARG A 342 1.64 -5.22 13.51
C ARG A 342 1.06 -5.60 12.12
N GLU A 343 -0.23 -5.92 12.07
CA GLU A 343 -0.89 -6.55 10.88
C GLU A 343 -1.25 -5.47 9.85
N CYS A 344 -0.84 -5.68 8.60
CA CYS A 344 -1.24 -4.85 7.44
C CYS A 344 -2.78 -4.83 7.36
N ILE A 345 -3.38 -3.71 6.97
CA ILE A 345 -4.85 -3.54 6.91
C ILE A 345 -5.29 -3.43 5.46
N GLY A 346 -4.35 -3.43 4.52
CA GLY A 346 -4.64 -3.43 3.06
C GLY A 346 -5.28 -2.15 2.58
N CYS A 347 -4.91 -0.99 3.16
CA CYS A 347 -5.42 0.37 2.80
C CYS A 347 -4.78 0.84 1.49
N ASN A 348 -3.62 0.26 1.16
CA ASN A 348 -2.78 0.60 -0.04
C ASN A 348 -2.37 2.09 -0.03
N ALA A 349 -2.24 2.71 1.14
CA ALA A 349 -1.63 4.06 1.28
C ALA A 349 -0.15 4.01 0.88
N CYS A 350 0.53 2.87 1.04
CA CYS A 350 1.94 2.63 0.56
C CYS A 350 1.99 2.72 -0.96
N THR A 351 1.06 2.02 -1.60
CA THR A 351 0.78 2.03 -3.07
C THR A 351 0.53 3.47 -3.54
N ALA A 352 -0.28 4.22 -2.78
CA ALA A 352 -0.78 5.55 -3.21
C ALA A 352 0.42 6.49 -3.41
N GLU A 353 1.30 6.57 -2.40
CA GLU A 353 2.45 7.49 -2.46
C GLU A 353 3.26 7.06 -3.67
N VAL A 354 3.59 5.78 -3.74
CA VAL A 354 4.45 5.21 -4.83
C VAL A 354 3.81 5.54 -6.18
N MET A 355 2.50 5.56 -6.30
CA MET A 355 1.93 5.85 -7.63
C MET A 355 1.74 7.33 -7.91
N THR A 356 1.97 8.19 -6.93
CA THR A 356 2.19 9.64 -7.13
C THR A 356 3.70 9.91 -7.11
N SER A 357 4.51 8.89 -7.40
CA SER A 357 6.00 8.98 -7.49
C SER A 357 6.62 9.69 -6.28
N SER A 358 6.09 9.46 -5.08
CA SER A 358 6.60 10.03 -3.81
C SER A 358 7.06 8.91 -2.86
N ARG A 359 8.04 9.22 -2.01
CA ARG A 359 8.49 8.40 -0.83
C ARG A 359 7.31 7.59 -0.26
N ILE A 360 7.53 6.30 -0.02
CA ILE A 360 6.53 5.33 0.55
C ILE A 360 6.20 5.71 2.01
N ARG A 361 4.98 5.42 2.43
CA ARG A 361 4.53 5.52 3.86
C ARG A 361 3.64 4.31 4.16
N CYS A 362 3.33 4.09 5.44
CA CYS A 362 2.45 2.99 5.92
C CYS A 362 1.52 3.50 7.03
N THR A 363 0.23 3.22 6.91
CA THR A 363 -0.80 3.60 7.92
C THR A 363 -0.43 2.98 9.29
N GLN A 364 0.05 1.73 9.27
CA GLN A 364 0.24 0.93 10.50
C GLN A 364 1.60 1.27 11.11
N ASN A 365 2.61 1.44 10.26
CA ASN A 365 4.03 1.62 10.67
C ASN A 365 4.52 2.98 10.20
N PRO A 366 4.26 4.09 10.95
CA PRO A 366 4.76 5.42 10.56
C PRO A 366 6.25 5.51 10.18
N SER A 367 7.07 4.59 10.72
CA SER A 367 8.54 4.49 10.50
C SER A 367 8.84 4.16 9.04
N ALA A 368 7.94 3.46 8.34
CA ALA A 368 8.12 3.06 6.92
C ALA A 368 8.37 4.33 6.10
N GLY A 369 9.56 4.43 5.50
CA GLY A 369 10.00 5.56 4.65
C GLY A 369 10.49 6.75 5.44
N GLU A 370 10.55 6.64 6.78
CA GLU A 370 11.08 7.69 7.69
C GLU A 370 12.37 7.22 8.39
N GLU A 371 12.86 6.01 8.08
CA GLU A 371 14.03 5.39 8.77
C GLU A 371 15.23 6.37 8.74
N HIS A 372 15.51 6.97 7.57
CA HIS A 372 16.63 7.94 7.34
C HIS A 372 16.13 9.37 7.57
N VAL A 373 15.02 9.78 6.93
CA VAL A 373 14.54 11.20 6.89
C VAL A 373 14.33 11.71 8.32
N SER A 374 13.77 10.88 9.19
CA SER A 374 13.33 11.29 10.55
C SER A 374 14.14 10.58 11.65
N GLY A 375 14.94 9.55 11.31
CA GLY A 375 15.57 8.63 12.29
C GLY A 375 14.59 7.76 13.08
N TRP A 376 13.44 7.39 12.50
CA TRP A 376 12.39 6.55 13.16
C TRP A 376 12.66 5.07 12.90
N HIS A 377 12.71 4.29 13.96
CA HIS A 377 12.86 2.81 13.89
C HIS A 377 11.50 2.16 14.08
N PRO A 378 11.28 0.98 13.44
CA PRO A 378 10.05 0.21 13.66
C PRO A 378 9.73 -0.22 15.10
N GLU A 379 10.71 -0.63 15.88
CA GLU A 379 10.52 -1.12 17.28
C GLU A 379 11.21 -0.20 18.30
N LYS A 380 12.47 0.19 18.07
CA LYS A 380 13.28 0.93 19.07
C LYS A 380 12.83 2.39 19.18
N VAL A 381 12.85 2.94 20.39
CA VAL A 381 12.61 4.38 20.65
C VAL A 381 13.72 4.88 21.55
N PRO A 382 14.10 6.18 21.45
CA PRO A 382 14.97 6.79 22.45
C PRO A 382 14.35 6.67 23.85
N PRO A 383 15.12 6.39 24.92
CA PRO A 383 14.55 6.33 26.25
C PRO A 383 13.87 7.67 26.57
N ALA A 384 12.74 7.62 27.25
CA ALA A 384 12.05 8.83 27.78
C ALA A 384 13.08 9.68 28.52
N HIS A 385 13.28 10.93 28.12
CA HIS A 385 13.96 11.95 28.96
C HIS A 385 13.15 12.07 30.26
N ASN A 386 13.78 11.94 31.42
CA ASN A 386 13.03 12.03 32.72
C ASN A 386 11.79 11.12 32.64
N SER A 387 11.98 9.83 32.96
CA SER A 387 10.96 8.76 32.95
C SER A 387 9.73 9.08 33.83
N ASP A 388 9.87 9.95 34.84
CA ASP A 388 8.81 10.25 35.84
C ASP A 388 7.82 11.28 35.26
N ALA A 389 8.13 11.86 34.10
CA ALA A 389 7.26 12.84 33.42
C ALA A 389 5.94 12.17 33.00
N SER A 390 4.81 12.86 33.18
CA SER A 390 3.45 12.35 32.87
C SER A 390 2.86 13.13 31.68
N ILE A 391 2.17 12.41 30.79
CA ILE A 391 1.47 12.95 29.59
C ILE A 391 -0.01 12.53 29.60
N LEU A 392 -0.93 13.48 29.46
CA LEU A 392 -2.38 13.23 29.23
C LEU A 392 -2.68 13.34 27.73
N VAL A 393 -3.16 12.24 27.15
CA VAL A 393 -3.61 12.19 25.73
C VAL A 393 -5.15 12.23 25.72
N ILE A 394 -5.71 13.22 25.04
CA ILE A 394 -7.18 13.43 24.98
C ILE A 394 -7.67 13.04 23.59
N GLY A 395 -8.23 11.85 23.45
CA GLY A 395 -8.70 11.29 22.17
C GLY A 395 -8.27 9.84 21.98
N GLY A 396 -9.23 8.97 21.69
CA GLY A 396 -9.00 7.52 21.54
C GLY A 396 -8.96 7.08 20.08
N GLY A 397 -8.78 8.03 19.16
CA GLY A 397 -8.60 7.73 17.72
C GLY A 397 -7.18 7.23 17.44
N PRO A 398 -6.83 6.96 16.16
CA PRO A 398 -5.50 6.47 15.82
C PRO A 398 -4.38 7.46 16.17
N ALA A 399 -4.67 8.76 16.17
CA ALA A 399 -3.70 9.82 16.54
C ALA A 399 -3.32 9.64 18.02
N GLY A 400 -4.29 9.79 18.92
CA GLY A 400 -4.14 9.56 20.36
C GLY A 400 -3.41 8.26 20.67
N LEU A 401 -3.89 7.14 20.13
CA LEU A 401 -3.41 5.77 20.45
C LEU A 401 -1.94 5.64 20.04
N GLU A 402 -1.55 6.27 18.93
CA GLU A 402 -0.17 6.14 18.40
C GLU A 402 0.77 6.96 19.29
N ALA A 403 0.36 8.15 19.72
CA ALA A 403 1.13 9.02 20.66
C ALA A 403 1.35 8.29 22.00
N ALA A 404 0.25 7.82 22.63
CA ALA A 404 0.24 7.05 23.90
C ALA A 404 1.18 5.87 23.76
N HIS A 405 0.93 5.01 22.77
CA HIS A 405 1.81 3.85 22.47
C HIS A 405 3.26 4.31 22.45
N THR A 406 3.60 5.34 21.67
CA THR A 406 5.00 5.78 21.42
C THR A 406 5.63 6.28 22.72
N LEU A 407 4.95 7.17 23.44
CA LEU A 407 5.41 7.69 24.77
C LEU A 407 5.54 6.53 25.76
N ALA A 408 4.52 5.67 25.86
CA ALA A 408 4.53 4.47 26.75
C ALA A 408 5.83 3.68 26.53
N LYS A 409 6.20 3.43 25.26
CA LYS A 409 7.35 2.57 24.86
C LYS A 409 8.66 3.21 25.31
N ARG A 410 8.76 4.54 25.20
CA ARG A 410 9.97 5.32 25.61
C ARG A 410 10.12 5.25 27.13
N GLY A 411 9.02 5.06 27.85
CA GLY A 411 8.97 4.75 29.29
C GLY A 411 8.24 5.81 30.11
N TYR A 412 7.66 6.85 29.47
CA TYR A 412 6.92 7.94 30.15
C TYR A 412 5.70 7.38 30.89
N GLN A 413 5.21 8.12 31.89
CA GLN A 413 3.91 7.85 32.55
C GLN A 413 2.82 8.44 31.65
N VAL A 414 1.91 7.61 31.14
CA VAL A 414 0.93 8.00 30.07
C VAL A 414 -0.49 7.71 30.53
N SER A 415 -1.33 8.74 30.62
CA SER A 415 -2.80 8.59 30.73
C SER A 415 -3.43 8.96 29.38
N ILE A 416 -4.44 8.18 28.96
CA ILE A 416 -5.27 8.46 27.75
C ILE A 416 -6.75 8.36 28.11
N ALA A 417 -7.53 9.38 27.70
CA ALA A 417 -8.99 9.50 27.94
C ALA A 417 -9.72 9.56 26.59
N ASP A 418 -10.91 8.96 26.51
CA ASP A 418 -11.84 9.08 25.36
C ASP A 418 -13.28 9.16 25.90
N ALA A 419 -14.16 9.87 25.19
CA ALA A 419 -15.54 10.16 25.63
C ALA A 419 -16.45 8.95 25.35
N GLY A 420 -16.03 8.00 24.49
CA GLY A 420 -16.87 6.88 24.02
C GLY A 420 -16.61 5.60 24.80
N SER A 421 -17.41 4.55 24.57
CA SER A 421 -17.34 3.26 25.31
C SER A 421 -16.35 2.31 24.63
N GLU A 422 -15.69 2.73 23.54
CA GLU A 422 -14.84 1.84 22.72
C GLU A 422 -13.68 2.64 22.11
N TRP A 423 -12.46 2.12 22.23
CA TRP A 423 -11.23 2.74 21.68
C TRP A 423 -11.32 2.71 20.15
N GLY A 424 -10.87 3.77 19.49
CA GLY A 424 -10.75 3.82 18.01
C GLY A 424 -11.21 5.12 17.39
N GLY A 425 -11.75 6.06 18.17
CA GLY A 425 -12.31 7.31 17.63
C GLY A 425 -13.09 7.03 16.35
N ARG A 426 -12.68 7.66 15.24
CA ARG A 426 -13.38 7.60 13.93
C ARG A 426 -13.46 6.14 13.46
N LEU A 427 -12.53 5.29 13.87
CA LEU A 427 -12.47 3.87 13.44
C LEU A 427 -13.50 2.99 14.17
N VAL A 428 -14.01 3.39 15.33
CA VAL A 428 -15.12 2.63 16.00
C VAL A 428 -16.22 2.41 14.96
N ARG A 429 -16.73 3.49 14.34
CA ARG A 429 -17.89 3.44 13.39
C ARG A 429 -17.42 3.13 11.96
N GLU A 430 -16.26 3.63 11.54
CA GLU A 430 -15.73 3.37 10.16
C GLU A 430 -15.50 1.87 9.95
N ARG A 431 -14.91 1.17 10.94
CA ARG A 431 -14.54 -0.27 10.81
C ARG A 431 -15.79 -1.14 10.62
N ARG A 432 -16.97 -0.63 11.01
CA ARG A 432 -18.29 -1.31 10.88
C ARG A 432 -18.99 -0.99 9.55
N LEU A 433 -18.46 -0.08 8.74
CA LEU A 433 -18.98 0.19 7.37
C LEU A 433 -18.52 -0.92 6.43
N PRO A 434 -19.28 -1.23 5.35
CA PRO A 434 -18.92 -2.34 4.48
C PRO A 434 -17.51 -2.16 3.87
N ARG A 435 -16.75 -3.24 4.00
CA ARG A 435 -15.40 -3.58 3.44
C ARG A 435 -14.30 -2.74 4.08
N LEU A 436 -14.56 -2.14 5.23
CA LEU A 436 -13.56 -1.35 6.00
C LEU A 436 -13.20 -2.07 7.29
N SER A 437 -13.46 -3.37 7.38
CA SER A 437 -13.33 -4.17 8.63
C SER A 437 -11.86 -4.25 9.06
N ALA A 438 -10.96 -4.65 8.15
CA ALA A 438 -9.50 -4.80 8.41
C ALA A 438 -8.88 -3.51 9.00
N TRP A 439 -9.43 -2.32 8.75
CA TRP A 439 -8.83 -1.04 9.22
C TRP A 439 -8.94 -0.94 10.75
N GLY A 440 -9.70 -1.84 11.39
CA GLY A 440 -9.80 -1.90 12.87
C GLY A 440 -8.49 -2.34 13.51
N ARG A 441 -7.58 -2.96 12.74
CA ARG A 441 -6.34 -3.50 13.33
C ARG A 441 -5.45 -2.30 13.71
N VAL A 442 -5.64 -1.15 13.07
CA VAL A 442 -5.00 0.12 13.52
C VAL A 442 -5.34 0.33 15.02
N VAL A 443 -6.60 0.09 15.42
CA VAL A 443 -7.07 0.26 16.82
C VAL A 443 -6.60 -0.92 17.65
N ASP A 444 -6.91 -2.15 17.24
CA ASP A 444 -6.60 -3.38 18.01
C ASP A 444 -5.09 -3.46 18.34
N TYR A 445 -4.23 -3.47 17.32
CA TYR A 445 -2.75 -3.46 17.51
C TYR A 445 -2.33 -2.54 18.68
N ARG A 446 -2.85 -1.33 18.73
CA ARG A 446 -2.37 -0.30 19.69
C ARG A 446 -3.02 -0.53 21.06
N VAL A 447 -4.30 -0.87 21.11
CA VAL A 447 -4.99 -1.18 22.41
C VAL A 447 -4.27 -2.36 23.07
N GLY A 448 -4.06 -3.45 22.32
CA GLY A 448 -3.49 -4.71 22.83
C GLY A 448 -2.10 -4.53 23.39
N GLN A 449 -1.31 -3.65 22.79
CA GLN A 449 0.05 -3.29 23.27
C GLN A 449 -0.05 -2.37 24.50
N LEU A 450 -0.96 -1.40 24.47
CA LEU A 450 -1.07 -0.35 25.54
C LEU A 450 -1.49 -0.97 26.87
N GLN A 451 -2.51 -1.82 26.87
CA GLN A 451 -3.25 -2.25 28.09
C GLN A 451 -2.44 -3.24 28.93
N THR A 452 -1.26 -3.69 28.46
CA THR A 452 -0.32 -4.63 29.14
C THR A 452 0.92 -3.89 29.66
N MET A 453 0.85 -2.55 29.73
CA MET A 453 1.99 -1.67 30.14
C MET A 453 1.59 -0.96 31.43
N PRO A 454 2.39 -1.09 32.52
CA PRO A 454 1.98 -0.57 33.82
C PRO A 454 2.05 0.95 33.88
N ASN A 455 2.82 1.57 32.98
CA ASN A 455 3.00 3.04 32.90
C ASN A 455 1.85 3.70 32.12
N VAL A 456 0.90 2.94 31.58
CA VAL A 456 -0.29 3.46 30.83
C VAL A 456 -1.58 3.26 31.67
N SER A 457 -2.41 4.31 31.75
CA SER A 457 -3.78 4.30 32.29
C SER A 457 -4.75 4.64 31.16
N MET A 458 -5.77 3.82 30.98
CA MET A 458 -6.75 3.94 29.87
C MET A 458 -8.14 4.21 30.45
N TYR A 459 -8.73 5.38 30.17
CA TYR A 459 -10.06 5.79 30.69
C TYR A 459 -11.05 5.92 29.51
N LEU A 460 -12.10 5.10 29.51
CA LEU A 460 -12.97 4.92 28.32
C LEU A 460 -14.34 5.59 28.47
N ASP A 461 -14.64 6.35 29.51
CA ASP A 461 -15.99 6.98 29.53
C ASP A 461 -15.83 8.37 30.08
N SER A 462 -14.84 9.09 29.56
CA SER A 462 -14.24 10.30 30.17
C SER A 462 -14.20 11.44 29.16
N PRO A 463 -15.35 12.13 28.93
CA PRO A 463 -15.35 13.42 28.24
C PRO A 463 -14.71 14.44 29.19
N LEU A 464 -13.73 15.19 28.70
CA LEU A 464 -12.93 16.15 29.52
C LEU A 464 -13.22 17.59 29.09
N GLY A 465 -13.67 18.43 30.04
CA GLY A 465 -13.65 19.90 29.93
C GLY A 465 -12.26 20.41 30.23
N ALA A 466 -12.01 21.70 30.00
CA ALA A 466 -10.70 22.38 30.19
C ALA A 466 -10.29 22.32 31.66
N ASP A 467 -11.26 22.44 32.57
CA ASP A 467 -11.09 22.36 34.05
C ASP A 467 -10.44 21.02 34.41
N ASP A 468 -11.02 19.93 33.91
CA ASP A 468 -10.64 18.54 34.29
C ASP A 468 -9.17 18.32 33.93
N VAL A 469 -8.72 18.91 32.81
CA VAL A 469 -7.36 18.74 32.23
C VAL A 469 -6.34 19.47 33.11
N ALA A 470 -6.64 20.71 33.51
CA ALA A 470 -5.82 21.51 34.46
C ALA A 470 -5.65 20.73 35.77
N GLY A 471 -6.77 20.26 36.35
CA GLY A 471 -6.82 19.45 37.58
C GLY A 471 -5.80 18.32 37.58
N PHE A 472 -5.72 17.57 36.49
CA PHE A 472 -4.85 16.38 36.32
C PHE A 472 -3.37 16.76 36.49
N GLU A 473 -3.03 18.01 36.20
CA GLU A 473 -1.65 18.57 36.28
C GLU A 473 -0.63 17.63 35.62
N ALA A 474 -0.91 17.16 34.40
CA ALA A 474 0.10 16.48 33.54
C ALA A 474 1.22 17.46 33.21
N ASP A 475 2.42 16.94 32.91
CA ASP A 475 3.60 17.75 32.49
C ASP A 475 3.41 18.23 31.05
N HIS A 476 2.60 17.50 30.28
CA HIS A 476 2.38 17.74 28.83
C HIS A 476 1.01 17.20 28.42
N VAL A 477 0.20 17.98 27.72
CA VAL A 477 -1.13 17.55 27.19
C VAL A 477 -1.03 17.44 25.68
N ILE A 478 -1.40 16.29 25.12
CA ILE A 478 -1.60 16.12 23.65
C ILE A 478 -3.11 16.08 23.40
N VAL A 479 -3.65 16.97 22.56
CA VAL A 479 -5.09 17.00 22.19
C VAL A 479 -5.21 16.29 20.84
N ALA A 480 -6.04 15.24 20.77
CA ALA A 480 -6.25 14.41 19.56
C ALA A 480 -7.74 14.18 19.33
N THR A 481 -8.55 15.24 19.42
CA THR A 481 -10.03 15.21 19.53
C THR A 481 -10.72 15.03 18.17
N GLY A 482 -9.97 14.72 17.11
CA GLY A 482 -10.51 14.28 15.82
C GLY A 482 -11.35 15.36 15.11
N ALA A 483 -12.22 14.94 14.18
CA ALA A 483 -13.01 15.84 13.32
C ALA A 483 -14.41 15.27 13.09
N LYS A 484 -15.22 15.95 12.30
CA LYS A 484 -16.60 15.59 11.92
C LYS A 484 -16.82 15.91 10.43
N TRP A 485 -17.63 15.11 9.76
CA TRP A 485 -18.12 15.43 8.40
C TRP A 485 -19.17 16.53 8.53
N ARG A 486 -19.02 17.56 7.71
CA ARG A 486 -19.88 18.76 7.65
C ARG A 486 -20.98 18.52 6.60
N GLY A 487 -22.02 19.36 6.60
CA GLY A 487 -23.26 19.07 5.86
C GLY A 487 -23.81 20.22 5.05
N GLU A 488 -23.00 21.22 4.70
CA GLU A 488 -23.45 22.34 3.83
C GLU A 488 -22.83 22.16 2.43
N GLY A 489 -22.17 21.02 2.17
CA GLY A 489 -21.61 20.67 0.84
C GLY A 489 -20.34 21.44 0.51
N VAL A 490 -19.84 22.26 1.44
CA VAL A 490 -18.61 23.07 1.31
C VAL A 490 -17.41 22.14 1.58
N GLY A 491 -16.25 22.42 0.98
CA GLY A 491 -15.00 21.78 1.41
C GLY A 491 -14.00 21.61 0.29
N ARG A 492 -14.45 21.55 -0.97
CA ARG A 492 -13.54 21.49 -2.16
C ARG A 492 -13.95 22.57 -3.16
N ASN A 493 -14.98 22.33 -3.98
CA ASN A 493 -15.35 23.19 -5.13
C ASN A 493 -16.50 24.14 -4.78
N HIS A 494 -17.11 23.97 -3.61
CA HIS A 494 -18.10 24.92 -3.03
C HIS A 494 -17.45 25.59 -1.83
N ASP A 495 -17.34 26.93 -1.91
CA ASP A 495 -16.97 27.82 -0.77
C ASP A 495 -18.26 28.21 -0.04
N GLU A 496 -19.40 28.10 -0.72
CA GLU A 496 -20.72 28.59 -0.27
C GLU A 496 -21.67 27.39 -0.07
N PRO A 497 -22.48 27.40 1.02
CA PRO A 497 -23.51 26.40 1.23
C PRO A 497 -24.30 26.07 -0.05
N ILE A 498 -24.54 24.79 -0.32
CA ILE A 498 -25.44 24.37 -1.43
C ILE A 498 -26.88 24.71 -1.03
N PRO A 499 -27.62 25.43 -1.89
CA PRO A 499 -29.05 25.65 -1.66
C PRO A 499 -29.82 24.36 -1.36
N GLY A 500 -30.53 24.35 -0.22
CA GLY A 500 -31.40 23.24 0.17
C GLY A 500 -30.66 22.24 1.02
N CYS A 501 -29.39 22.50 1.32
CA CYS A 501 -28.53 21.62 2.18
C CYS A 501 -29.15 21.42 3.56
N ASP A 502 -30.01 22.33 4.04
CA ASP A 502 -30.58 22.26 5.42
C ASP A 502 -31.93 21.54 5.41
N LEU A 503 -32.42 21.09 4.25
CA LEU A 503 -33.65 20.25 4.17
C LEU A 503 -33.40 18.93 4.92
N PRO A 504 -34.39 18.42 5.69
CA PRO A 504 -34.17 17.29 6.60
C PRO A 504 -33.86 15.95 5.90
N HIS A 505 -34.17 15.81 4.61
CA HIS A 505 -33.85 14.59 3.83
C HIS A 505 -32.34 14.56 3.48
N VAL A 506 -31.63 15.69 3.68
CA VAL A 506 -30.16 15.83 3.39
C VAL A 506 -29.35 15.31 4.59
N LEU A 507 -28.37 14.45 4.33
CA LEU A 507 -27.52 13.78 5.35
C LEU A 507 -26.04 14.00 5.05
N THR A 508 -25.20 13.60 6.00
CA THR A 508 -23.73 13.58 5.93
C THR A 508 -23.26 12.19 6.33
N PRO A 509 -21.98 11.82 6.08
CA PRO A 509 -21.44 10.55 6.53
C PRO A 509 -21.68 10.26 8.02
N GLU A 510 -21.81 11.29 8.87
CA GLU A 510 -22.07 11.14 10.34
C GLU A 510 -23.30 10.23 10.56
N ASP A 511 -24.40 10.51 9.85
CA ASP A 511 -25.69 9.76 9.94
C ASP A 511 -25.46 8.29 9.53
N ILE A 512 -24.69 8.05 8.48
CA ILE A 512 -24.48 6.67 7.95
C ILE A 512 -23.57 5.89 8.89
N LEU A 513 -22.57 6.57 9.45
CA LEU A 513 -21.67 6.00 10.49
C LEU A 513 -22.48 5.65 11.74
N ASP A 514 -23.57 6.39 12.03
CA ASP A 514 -24.44 6.15 13.22
C ASP A 514 -25.56 5.16 12.90
N GLY A 515 -25.65 4.66 11.67
CA GLY A 515 -26.67 3.69 11.22
C GLY A 515 -28.05 4.29 11.13
N ARG A 516 -28.16 5.59 10.81
CA ARG A 516 -29.43 6.33 10.66
C ARG A 516 -29.70 6.52 9.16
N LEU A 517 -30.29 5.49 8.53
CA LEU A 517 -30.36 5.36 7.05
C LEU A 517 -31.73 5.79 6.57
N PRO A 518 -31.83 6.28 5.30
CA PRO A 518 -33.12 6.52 4.67
C PRO A 518 -33.77 5.15 4.48
N GLU A 519 -35.07 5.06 4.73
CA GLU A 519 -35.83 3.77 4.85
C GLU A 519 -35.65 3.01 3.52
N GLY A 520 -35.92 3.68 2.41
CA GLY A 520 -35.70 3.11 1.08
C GLY A 520 -35.59 4.22 0.06
N GLY A 521 -36.22 4.01 -1.09
CA GLY A 521 -36.29 4.98 -2.19
C GLY A 521 -34.93 5.24 -2.79
N SER A 522 -34.82 6.33 -3.54
CA SER A 522 -33.61 6.77 -4.28
C SER A 522 -32.77 7.60 -3.32
N VAL A 523 -31.45 7.63 -3.52
CA VAL A 523 -30.51 8.47 -2.74
C VAL A 523 -29.32 8.83 -3.64
N ILE A 524 -28.97 10.12 -3.64
CA ILE A 524 -27.75 10.68 -4.30
C ILE A 524 -26.66 10.83 -3.24
N VAL A 525 -25.51 10.19 -3.50
CA VAL A 525 -24.27 10.39 -2.69
C VAL A 525 -23.37 11.28 -3.53
N TYR A 526 -23.05 12.46 -3.00
CA TYR A 526 -22.24 13.50 -3.69
C TYR A 526 -20.85 13.45 -3.10
N ASP A 527 -19.87 13.12 -3.94
CA ASP A 527 -18.46 12.92 -3.56
C ASP A 527 -17.63 14.12 -4.01
N GLU A 528 -17.26 14.98 -3.05
CA GLU A 528 -16.25 16.06 -3.18
C GLU A 528 -15.04 15.75 -2.26
N ASP A 529 -14.95 14.52 -1.74
CA ASP A 529 -13.83 14.06 -0.89
C ASP A 529 -12.83 13.30 -1.75
N TYR A 530 -13.31 12.47 -2.67
CA TYR A 530 -12.53 11.83 -3.77
C TYR A 530 -11.81 10.55 -3.28
N TYR A 531 -12.08 10.09 -2.06
CA TYR A 531 -11.47 8.83 -1.54
C TYR A 531 -12.57 7.78 -1.29
N TYR A 532 -12.55 7.05 -0.18
CA TYR A 532 -13.41 5.85 0.05
C TYR A 532 -14.75 6.18 0.72
N MET A 533 -14.85 7.28 1.47
CA MET A 533 -16.00 7.49 2.38
C MET A 533 -17.33 7.53 1.60
N ALA A 534 -17.35 8.12 0.43
CA ALA A 534 -18.60 8.24 -0.36
C ALA A 534 -18.91 6.89 -1.02
N ALA A 535 -17.90 6.18 -1.53
CA ALA A 535 -18.11 4.88 -2.21
C ALA A 535 -18.59 3.88 -1.15
N VAL A 536 -18.10 4.04 0.07
CA VAL A 536 -18.45 3.12 1.18
C VAL A 536 -19.90 3.37 1.59
N VAL A 537 -20.35 4.63 1.65
CA VAL A 537 -21.75 4.93 2.11
C VAL A 537 -22.68 4.40 1.02
N ALA A 538 -22.34 4.62 -0.25
CA ALA A 538 -23.10 4.12 -1.41
C ALA A 538 -23.37 2.62 -1.23
N ASP A 539 -22.29 1.86 -1.00
CA ASP A 539 -22.33 0.39 -0.80
C ASP A 539 -23.29 0.09 0.35
N ARG A 540 -23.07 0.71 1.50
CA ARG A 540 -23.93 0.56 2.71
C ARG A 540 -25.39 0.76 2.33
N LEU A 541 -25.66 1.78 1.52
CA LEU A 541 -27.02 2.25 1.18
C LEU A 541 -27.68 1.31 0.18
N ALA A 542 -26.94 0.88 -0.85
CA ALA A 542 -27.49 -0.06 -1.85
C ALA A 542 -27.88 -1.36 -1.11
N ARG A 543 -27.03 -1.82 -0.18
CA ARG A 543 -27.24 -3.05 0.61
C ARG A 543 -28.39 -2.90 1.60
N ALA A 544 -28.84 -1.69 1.92
CA ALA A 544 -30.02 -1.45 2.77
C ALA A 544 -31.31 -1.52 1.94
N GLY A 545 -31.18 -1.54 0.60
CA GLY A 545 -32.30 -1.61 -0.35
C GLY A 545 -32.58 -0.28 -1.03
N CYS A 546 -31.80 0.78 -0.74
CA CYS A 546 -31.91 2.07 -1.48
C CYS A 546 -31.35 1.91 -2.89
N LYS A 547 -31.98 2.55 -3.88
CA LYS A 547 -31.40 2.79 -5.23
C LYS A 547 -30.41 3.96 -5.09
N VAL A 548 -29.11 3.70 -5.24
CA VAL A 548 -28.03 4.71 -5.10
C VAL A 548 -27.58 5.21 -6.48
N THR A 549 -27.44 6.52 -6.62
CA THR A 549 -26.60 7.16 -7.68
C THR A 549 -25.37 7.81 -7.02
N TYR A 550 -24.17 7.40 -7.43
CA TYR A 550 -22.89 8.04 -6.99
C TYR A 550 -22.57 9.16 -7.97
N VAL A 551 -22.40 10.39 -7.45
CA VAL A 551 -22.24 11.64 -8.25
C VAL A 551 -20.95 12.32 -7.81
N THR A 552 -19.99 12.58 -8.71
CA THR A 552 -18.78 13.37 -8.39
C THR A 552 -18.52 14.47 -9.44
N THR A 553 -17.80 15.52 -8.99
CA THR A 553 -17.29 16.65 -9.82
C THR A 553 -16.01 16.23 -10.54
N ALA A 554 -15.35 15.20 -10.01
CA ALA A 554 -14.15 14.56 -10.62
C ALA A 554 -14.53 13.78 -11.88
N SER A 555 -13.56 13.55 -12.74
CA SER A 555 -13.75 12.87 -14.05
C SER A 555 -13.84 11.36 -13.86
N ASP A 556 -13.32 10.84 -12.74
CA ASP A 556 -13.30 9.41 -12.40
C ASP A 556 -13.92 9.23 -11.02
N PRO A 557 -14.65 8.10 -10.76
CA PRO A 557 -15.16 7.82 -9.43
C PRO A 557 -13.96 7.66 -8.47
N SER A 558 -14.08 8.26 -7.29
CA SER A 558 -13.15 8.13 -6.13
C SER A 558 -11.71 8.28 -6.58
N PRO A 559 -11.35 9.45 -7.16
CA PRO A 559 -10.10 9.63 -7.90
C PRO A 559 -8.87 9.03 -7.22
N TRP A 560 -8.79 9.21 -5.89
CA TRP A 560 -7.60 8.81 -5.10
C TRP A 560 -7.34 7.29 -5.26
N THR A 561 -8.40 6.52 -5.58
CA THR A 561 -8.33 5.04 -5.68
C THR A 561 -7.53 4.65 -6.94
N HIS A 562 -7.32 5.54 -7.89
CA HIS A 562 -6.33 5.30 -8.98
C HIS A 562 -5.01 4.93 -8.32
N ASN A 563 -4.76 5.51 -7.15
CA ASN A 563 -3.47 5.48 -6.41
C ASN A 563 -3.45 4.32 -5.39
N THR A 564 -4.58 3.98 -4.78
CA THR A 564 -4.70 2.83 -3.85
C THR A 564 -4.98 1.56 -4.66
N LEU A 565 -5.09 1.68 -5.99
CA LEU A 565 -5.37 0.59 -6.94
C LEU A 565 -6.71 -0.04 -6.56
N GLU A 566 -7.71 0.77 -6.24
CA GLU A 566 -9.08 0.31 -5.89
C GLU A 566 -10.10 0.80 -6.92
N MET A 567 -9.74 1.71 -7.84
CA MET A 567 -10.75 2.32 -8.75
C MET A 567 -11.50 1.20 -9.49
N VAL A 568 -10.76 0.31 -10.15
CA VAL A 568 -11.36 -0.74 -11.02
C VAL A 568 -12.26 -1.66 -10.17
N HIS A 569 -11.94 -1.89 -8.90
CA HIS A 569 -12.71 -2.77 -7.98
C HIS A 569 -13.93 -2.02 -7.45
N VAL A 570 -13.80 -0.74 -7.10
CA VAL A 570 -14.95 0.08 -6.61
C VAL A 570 -15.99 0.11 -7.74
N VAL A 571 -15.57 0.52 -8.94
CA VAL A 571 -16.45 0.59 -10.15
C VAL A 571 -17.15 -0.77 -10.33
N ASN A 572 -16.41 -1.87 -10.54
CA ASN A 572 -17.00 -3.23 -10.72
C ASN A 572 -18.00 -3.52 -9.60
N SER A 573 -17.66 -3.19 -8.37
CA SER A 573 -18.54 -3.33 -7.19
C SER A 573 -19.88 -2.61 -7.44
N MET A 574 -19.81 -1.37 -7.93
CA MET A 574 -20.97 -0.46 -8.14
C MET A 574 -21.84 -1.01 -9.28
N ASN A 575 -21.25 -1.32 -10.44
CA ASN A 575 -21.94 -2.00 -11.56
C ASN A 575 -22.70 -3.23 -11.05
N GLU A 576 -22.10 -4.01 -10.15
CA GLU A 576 -22.68 -5.31 -9.71
C GLU A 576 -23.89 -5.02 -8.82
N ALA A 577 -23.80 -4.02 -7.95
CA ALA A 577 -24.88 -3.61 -7.00
C ALA A 577 -25.94 -2.75 -7.72
N GLY A 578 -25.75 -2.43 -9.00
CA GLY A 578 -26.59 -1.46 -9.72
C GLY A 578 -26.62 -0.12 -9.00
N ILE A 579 -25.42 0.37 -8.63
CA ILE A 579 -25.16 1.77 -8.18
C ILE A 579 -24.80 2.59 -9.43
N GLU A 580 -25.64 3.59 -9.71
CA GLU A 580 -25.45 4.56 -10.80
C GLU A 580 -24.16 5.37 -10.54
N ILE A 581 -23.32 5.50 -11.57
CA ILE A 581 -22.11 6.36 -11.56
C ILE A 581 -22.36 7.57 -12.48
N VAL A 582 -22.38 8.77 -11.88
CA VAL A 582 -22.35 10.08 -12.57
C VAL A 582 -21.03 10.79 -12.27
N VAL A 583 -20.38 11.35 -13.29
CA VAL A 583 -19.06 12.05 -13.17
C VAL A 583 -19.09 13.42 -13.85
N GLY A 584 -18.00 14.17 -13.67
CA GLY A 584 -17.85 15.57 -14.13
C GLY A 584 -19.12 16.38 -13.93
N THR A 585 -19.81 16.19 -12.79
CA THR A 585 -21.12 16.76 -12.49
C THR A 585 -21.13 17.35 -11.08
N ALA A 586 -21.59 18.59 -10.94
CA ALA A 586 -21.76 19.29 -9.65
C ALA A 586 -23.25 19.47 -9.35
N ILE A 587 -23.57 19.60 -8.05
CA ILE A 587 -24.92 19.94 -7.56
C ILE A 587 -25.07 21.47 -7.50
N ALA A 588 -26.05 22.00 -8.24
CA ALA A 588 -26.43 23.43 -8.23
C ALA A 588 -27.25 23.72 -6.97
N SER A 589 -28.17 22.82 -6.64
CA SER A 589 -29.24 23.06 -5.64
C SER A 589 -29.93 21.74 -5.27
N ILE A 590 -30.50 21.67 -4.07
CA ILE A 590 -31.22 20.47 -3.55
C ILE A 590 -32.67 20.87 -3.24
N GLY A 591 -33.64 20.30 -3.96
CA GLY A 591 -35.09 20.43 -3.67
C GLY A 591 -35.63 19.29 -2.79
N PRO A 592 -36.92 19.34 -2.41
CA PRO A 592 -37.53 18.37 -1.48
C PRO A 592 -37.42 16.89 -1.90
N SER A 593 -37.37 16.62 -3.20
CA SER A 593 -37.41 15.25 -3.77
C SER A 593 -36.62 15.16 -5.08
N SER A 594 -35.76 16.14 -5.36
CA SER A 594 -34.81 16.10 -6.51
C SER A 594 -33.65 17.05 -6.26
N VAL A 595 -32.54 16.84 -6.97
CA VAL A 595 -31.41 17.82 -7.03
C VAL A 595 -31.30 18.33 -8.47
N LYS A 596 -31.04 19.63 -8.63
CA LYS A 596 -30.56 20.22 -9.90
C LYS A 596 -29.04 20.03 -9.94
N VAL A 597 -28.53 19.52 -11.06
CA VAL A 597 -27.07 19.31 -11.30
C VAL A 597 -26.66 20.02 -12.59
N SER A 598 -25.37 20.25 -12.73
CA SER A 598 -24.71 20.90 -13.89
C SER A 598 -23.52 20.04 -14.29
N ARG A 599 -23.35 19.74 -15.59
CA ARG A 599 -22.10 19.13 -16.11
C ARG A 599 -21.02 20.21 -16.21
N LEU A 600 -19.82 19.95 -15.67
CA LEU A 600 -18.72 20.95 -15.60
C LEU A 600 -18.22 21.33 -17.00
N LEU A 601 -18.10 20.41 -17.94
CA LEU A 601 -17.47 20.73 -19.24
C LEU A 601 -18.25 21.85 -19.94
N ASP A 602 -19.58 21.83 -19.88
CA ASP A 602 -20.45 22.66 -20.75
C ASP A 602 -21.74 23.10 -20.06
N GLY A 603 -21.96 22.79 -18.78
CA GLY A 603 -23.08 23.35 -17.99
C GLY A 603 -24.45 22.84 -18.41
N ARG A 604 -24.53 21.74 -19.17
CA ARG A 604 -25.79 21.00 -19.44
C ARG A 604 -26.43 20.69 -18.09
N GLU A 605 -27.61 21.26 -17.81
CA GLU A 605 -28.36 21.04 -16.55
C GLU A 605 -29.29 19.83 -16.64
N ASN A 606 -29.76 19.38 -15.48
CA ASN A 606 -30.51 18.12 -15.30
C ASN A 606 -31.21 18.14 -13.94
N GLU A 607 -32.35 17.47 -13.83
CA GLU A 607 -32.98 17.13 -12.52
C GLU A 607 -32.85 15.62 -12.30
N MET A 608 -32.37 15.23 -11.12
CA MET A 608 -32.33 13.84 -10.63
C MET A 608 -33.30 13.72 -9.46
N ALA A 609 -34.21 12.75 -9.51
CA ALA A 609 -35.07 12.37 -8.38
C ALA A 609 -34.14 11.88 -7.26
N ALA A 610 -34.46 12.18 -6.01
CA ALA A 610 -33.64 11.82 -4.85
C ALA A 610 -34.45 11.98 -3.56
N ASP A 611 -34.88 10.87 -2.97
CA ASP A 611 -35.65 10.88 -1.71
C ASP A 611 -34.70 11.25 -0.57
N ALA A 612 -33.44 10.82 -0.65
CA ALA A 612 -32.36 11.22 0.27
C ALA A 612 -31.15 11.73 -0.54
N VAL A 613 -30.21 12.38 0.17
CA VAL A 613 -28.99 13.01 -0.39
C VAL A 613 -27.89 12.89 0.65
N VAL A 614 -26.76 12.25 0.35
CA VAL A 614 -25.60 12.26 1.29
C VAL A 614 -24.53 13.15 0.68
N LEU A 615 -24.22 14.26 1.38
CA LEU A 615 -23.09 15.17 1.05
C LEU A 615 -21.81 14.65 1.73
N VAL A 616 -20.82 14.23 0.91
CA VAL A 616 -19.46 13.82 1.35
C VAL A 616 -18.46 14.80 0.73
N THR A 617 -18.18 15.90 1.43
CA THR A 617 -17.43 17.07 0.87
C THR A 617 -16.24 17.51 1.76
N GLY A 618 -16.09 16.97 2.97
CA GLY A 618 -14.92 17.29 3.80
C GLY A 618 -15.25 17.19 5.28
N GLN A 619 -14.24 17.46 6.11
CA GLN A 619 -14.29 17.30 7.59
C GLN A 619 -13.93 18.65 8.22
N LEU A 620 -14.51 18.98 9.38
CA LEU A 620 -14.18 20.17 10.20
C LEU A 620 -13.60 19.69 11.53
N SER A 621 -12.49 20.29 11.97
CA SER A 621 -11.75 19.86 13.19
C SER A 621 -12.58 20.20 14.46
N GLU A 622 -12.63 19.27 15.41
CA GLU A 622 -13.07 19.51 16.81
C GLU A 622 -11.86 20.02 17.60
N ASP A 623 -11.68 21.35 17.66
CA ASP A 623 -10.45 21.96 18.23
C ASP A 623 -10.82 22.98 19.32
N GLU A 624 -12.07 23.05 19.75
CA GLU A 624 -12.48 24.04 20.78
C GLU A 624 -11.59 23.87 22.02
N LEU A 625 -11.58 22.66 22.59
CA LEU A 625 -10.89 22.37 23.88
C LEU A 625 -9.42 22.78 23.76
N TYR A 626 -8.77 22.49 22.63
CA TYR A 626 -7.35 22.83 22.41
C TYR A 626 -7.12 24.35 22.52
N HIS A 627 -8.08 25.15 22.05
CA HIS A 627 -8.00 26.64 22.07
C HIS A 627 -8.30 27.15 23.49
N GLN A 628 -9.28 26.54 24.16
CA GLN A 628 -9.60 26.79 25.59
C GLN A 628 -8.32 26.56 26.42
N LEU A 629 -7.53 25.53 26.08
CA LEU A 629 -6.32 25.15 26.84
C LEU A 629 -5.21 26.18 26.59
N ILE A 630 -5.11 26.72 25.38
CA ILE A 630 -4.08 27.75 25.09
C ILE A 630 -4.50 29.07 25.73
N ALA A 631 -5.78 29.45 25.60
CA ALA A 631 -6.40 30.61 26.28
C ALA A 631 -6.25 30.44 27.80
N LYS A 632 -6.48 29.22 28.29
CA LYS A 632 -6.48 28.87 29.73
C LYS A 632 -5.09 29.12 30.32
N ARG A 633 -4.02 28.81 29.58
CA ARG A 633 -2.63 28.82 30.11
C ARG A 633 -2.29 30.24 30.62
N ASP A 634 -2.25 30.38 31.95
CA ASP A 634 -1.93 31.64 32.67
C ASP A 634 -0.47 31.59 33.15
N GLY A 635 0.29 30.57 32.72
CA GLY A 635 1.66 30.29 33.19
C GLY A 635 1.65 29.27 34.32
N GLY A 636 0.59 29.32 35.14
CA GLY A 636 0.36 28.43 36.31
C GLY A 636 0.09 27.01 35.88
N LEU A 637 -0.81 26.80 34.91
CA LEU A 637 -1.30 25.45 34.52
C LEU A 637 -1.07 25.24 33.02
N LEU A 638 -1.03 23.96 32.61
CA LEU A 638 -0.86 23.46 31.21
C LEU A 638 0.07 24.41 30.42
N ARG A 639 1.35 24.47 30.82
CA ARG A 639 2.39 25.28 30.11
C ARG A 639 2.76 24.59 28.79
N SER A 640 2.68 23.26 28.74
CA SER A 640 2.94 22.41 27.55
C SER A 640 1.63 21.80 27.04
N VAL A 641 1.15 22.24 25.89
CA VAL A 641 -0.05 21.70 25.18
C VAL A 641 0.18 21.74 23.66
N GLU A 642 -0.03 20.60 22.98
CA GLU A 642 0.00 20.50 21.49
C GLU A 642 -1.26 19.77 21.00
N ARG A 643 -1.65 19.99 19.74
CA ARG A 643 -2.75 19.25 19.06
C ARG A 643 -2.15 18.40 17.93
N ILE A 644 -2.77 17.26 17.60
CA ILE A 644 -2.28 16.30 16.57
C ILE A 644 -3.46 15.59 15.89
N GLY A 645 -3.28 15.20 14.63
CA GLY A 645 -4.27 14.43 13.87
C GLY A 645 -5.37 15.29 13.29
N ASP A 646 -6.58 14.71 13.14
CA ASP A 646 -7.71 15.34 12.43
C ASP A 646 -8.09 16.64 13.14
N CYS A 647 -7.86 16.71 14.45
CA CYS A 647 -8.14 17.89 15.29
C CYS A 647 -7.16 19.01 14.91
N LEU A 648 -5.94 18.68 14.46
CA LEU A 648 -4.99 19.66 13.84
C LEU A 648 -5.40 19.90 12.39
N GLY A 649 -5.52 18.83 11.60
CA GLY A 649 -6.00 18.90 10.20
C GLY A 649 -6.52 17.57 9.71
N ALA A 650 -7.66 17.56 9.04
CA ALA A 650 -8.29 16.33 8.51
C ALA A 650 -7.36 15.65 7.48
N GLY A 651 -7.37 14.31 7.44
CA GLY A 651 -6.63 13.55 6.42
C GLY A 651 -6.82 12.07 6.58
N GLN A 652 -6.30 11.28 5.64
CA GLN A 652 -6.35 9.80 5.74
C GLN A 652 -5.75 9.37 7.08
N ILE A 653 -6.14 8.19 7.54
CA ILE A 653 -5.78 7.65 8.89
C ILE A 653 -4.25 7.58 9.05
N ALA A 654 -3.51 7.27 7.98
CA ALA A 654 -2.03 7.25 7.95
C ALA A 654 -1.48 8.53 8.58
N GLN A 655 -2.14 9.67 8.34
CA GLN A 655 -1.69 11.02 8.82
C GLN A 655 -1.88 11.10 10.32
N ALA A 656 -2.94 10.48 10.85
CA ALA A 656 -3.24 10.42 12.29
C ALA A 656 -2.11 9.65 12.98
N THR A 657 -1.65 8.56 12.34
CA THR A 657 -0.57 7.70 12.90
C THR A 657 0.77 8.45 12.81
N TYR A 658 1.05 9.11 11.67
CA TYR A 658 2.24 9.97 11.50
C TYR A 658 2.26 11.04 12.59
N ASP A 659 1.21 11.83 12.76
CA ASP A 659 1.20 12.88 13.81
C ASP A 659 1.50 12.23 15.16
N GLY A 660 0.83 11.12 15.48
CA GLY A 660 0.96 10.41 16.76
C GLY A 660 2.40 10.07 17.07
N ARG A 661 3.10 9.45 16.10
CA ARG A 661 4.52 9.04 16.21
C ARG A 661 5.38 10.28 16.40
N LYS A 662 5.16 11.33 15.59
CA LYS A 662 5.97 12.58 15.62
C LYS A 662 5.91 13.18 17.03
N ALA A 663 4.71 13.38 17.57
CA ALA A 663 4.52 13.88 18.96
C ALA A 663 5.32 12.98 19.91
N GLY A 664 5.12 11.66 19.82
CA GLY A 664 5.76 10.66 20.70
C GLY A 664 7.29 10.73 20.70
N MET A 665 7.90 11.03 19.56
CA MET A 665 9.38 11.06 19.41
C MET A 665 9.93 12.45 19.76
N ARG A 666 9.18 13.52 19.47
CA ARG A 666 9.67 14.92 19.63
C ARG A 666 9.59 15.35 21.10
N TYR A 667 8.72 14.76 21.93
CA TYR A 667 8.50 15.24 23.31
C TYR A 667 9.81 15.16 24.10
N GLY A 668 10.19 16.28 24.74
CA GLY A 668 11.28 16.37 25.72
C GLY A 668 12.63 16.66 25.09
N THR A 669 12.66 17.20 23.85
CA THR A 669 13.90 17.54 23.09
C THR A 669 13.96 19.05 22.79
#